data_3K7F
#
_entry.id   3K7F
#
_cell.length_a   103.870
_cell.length_b   103.870
_cell.length_c   255.410
_cell.angle_alpha   90.00
_cell.angle_beta   90.00
_cell.angle_gamma   120.00
#
_symmetry.space_group_name_H-M   'P 32 2 1'
#
loop_
_entity.id
_entity.type
_entity.pdbx_description
1 polymer 'Fatty-acid amide hydrolase 1'
2 non-polymer '6-[2-(7-phenylheptanoyl)-1,3-oxazol-5-yl]pyridine-2-carboxylic acid'
3 non-polymer 'CHLORIDE ION'
4 non-polymer 'SODIUM ION'
5 water water
#
_entity_poly.entity_id   1
_entity_poly.type   'polypeptide(L)'
_entity_poly.pdbx_seq_one_letter_code
;MGSSHHHHHHSSGLVPRGSHMASRWTGRQKARGAATRARQKQRASLETMDKAVQRFRLQNPDLDSEALLTLPLLQLVQKL
QSGELSPEAVFFTYLGKAWEVNKGTNCVTSYLTDCETQLSQAPRQGLLYGVPVSLKECFSYKGHDSTLGLSLNEGMPSES
DCVVVQVLKLQGAVPFVHTNVPQSMFSYDCSNPLFGQTMNPWKSSKSPGGSSGGEGALIGSGGSPLGLGTDIGGSIRFPS
AFCGICGLKPTGNRLSKSGLKGCVYGQTAVQLSLGPMARDVESLALCLKALLCEHLFTLDPTVPPLPFREEVYRSSRPLR
VGYYETDNYTMPSPAMRRALIETKQRLEAAGHTLIPFLPNNIPYALEVLSTGGLFSDGGRSFLQNFKGDFVDPCLGDLIL
ILRLPSWFKRLLSLLLKPLFPRLAAFLNNMRPRSAEKLWKLQHEIEMYRQSVIAQWKAMNLDVLLTPMLGPALDLNTPGR
ATGAVSYTMLYNCLDFPAGVVPVTTVTAEDDAQMELYKGYFGDIWDIILKKAMKNSVGLPVAVQCVALPWQEELCLRFMR
EVEQLMTPQKQPS
;
_entity_poly.pdbx_strand_id   A,B
#
loop_
_chem_comp.id
_chem_comp.type
_chem_comp.name
_chem_comp.formula
CL non-polymer 'CHLORIDE ION' 'Cl -1'
F2C non-polymer '6-[2-(7-phenylheptanoyl)-1,3-oxazol-5-yl]pyridine-2-carboxylic acid' 'C22 H22 N2 O4'
NA non-polymer 'SODIUM ION' 'Na 1'
#
# COMPACT_ATOMS: atom_id res chain seq x y z
N THR A 26 -20.27 -24.08 31.59
CA THR A 26 -20.08 -22.96 32.51
C THR A 26 -19.12 -21.93 31.90
N GLY A 27 -19.67 -20.79 31.49
CA GLY A 27 -18.93 -19.85 30.69
C GLY A 27 -18.81 -20.37 29.25
N ARG A 28 -19.36 -21.57 29.02
CA ARG A 28 -19.26 -22.18 27.70
C ARG A 28 -20.62 -22.57 27.13
N GLN A 29 -21.71 -22.16 27.75
CA GLN A 29 -23.02 -22.52 27.21
C GLN A 29 -23.20 -21.96 25.79
N LYS A 30 -22.90 -20.68 25.60
CA LYS A 30 -22.99 -20.11 24.27
C LYS A 30 -22.08 -20.82 23.26
N ALA A 31 -20.84 -21.10 23.66
CA ALA A 31 -19.91 -21.77 22.75
C ALA A 31 -20.39 -23.19 22.38
N ARG A 32 -20.96 -23.88 23.37
CA ARG A 32 -21.46 -25.24 23.14
C ARG A 32 -22.65 -25.25 22.18
N GLY A 33 -23.53 -24.26 22.32
CA GLY A 33 -24.67 -24.12 21.43
C GLY A 33 -24.24 -23.78 20.02
N ALA A 34 -23.24 -22.89 19.90
CA ALA A 34 -22.67 -22.63 18.58
C ALA A 34 -22.11 -23.89 17.92
N ALA A 35 -21.38 -24.72 18.67
CA ALA A 35 -20.78 -25.92 18.07
C ALA A 35 -21.86 -26.91 17.64
N THR A 36 -22.88 -27.09 18.49
CA THR A 36 -23.99 -27.96 18.15
C THR A 36 -24.65 -27.55 16.84
N ARG A 37 -24.93 -26.26 16.67
CA ARG A 37 -25.57 -25.79 15.43
C ARG A 37 -24.62 -25.88 14.25
N ALA A 38 -23.34 -25.59 14.48
CA ALA A 38 -22.38 -25.65 13.39
C ALA A 38 -22.25 -27.08 12.88
N ARG A 39 -22.22 -28.06 13.78
CA ARG A 39 -22.07 -29.44 13.33
C ARG A 39 -23.28 -29.93 12.58
N GLN A 40 -24.47 -29.51 13.00
CA GLN A 40 -25.68 -29.91 12.31
C GLN A 40 -25.77 -29.26 10.92
N LYS A 41 -25.27 -28.03 10.81
CA LYS A 41 -25.20 -27.37 9.51
C LYS A 41 -24.25 -28.11 8.58
N GLN A 42 -23.06 -28.42 9.09
CA GLN A 42 -22.07 -29.19 8.32
C GLN A 42 -22.66 -30.52 7.84
N ARG A 43 -23.25 -31.27 8.77
CA ARG A 43 -23.85 -32.55 8.46
C ARG A 43 -24.94 -32.42 7.42
N ALA A 44 -25.75 -31.37 7.53
CA ALA A 44 -26.86 -31.18 6.59
C ALA A 44 -26.32 -30.79 5.22
N SER A 45 -25.24 -30.00 5.21
CA SER A 45 -24.56 -29.65 3.98
C SER A 45 -24.07 -30.89 3.22
N LEU A 46 -23.39 -31.78 3.92
CA LEU A 46 -22.87 -32.99 3.29
C LEU A 46 -23.98 -33.89 2.79
N GLU A 47 -25.09 -33.96 3.54
CA GLU A 47 -26.21 -34.77 3.13
C GLU A 47 -26.79 -34.23 1.82
N THR A 48 -26.89 -32.90 1.73
CA THR A 48 -27.41 -32.24 0.53
C THR A 48 -26.51 -32.55 -0.68
N MET A 49 -25.20 -32.44 -0.49
CA MET A 49 -24.25 -32.74 -1.56
C MET A 49 -24.45 -34.16 -2.06
N ASP A 50 -24.57 -35.09 -1.12
CA ASP A 50 -24.70 -36.52 -1.45
C ASP A 50 -25.97 -36.74 -2.24
N LYS A 51 -27.08 -36.17 -1.77
CA LYS A 51 -28.36 -36.27 -2.49
C LYS A 51 -28.21 -35.78 -3.93
N ALA A 52 -27.60 -34.61 -4.11
CA ALA A 52 -27.47 -34.02 -5.43
C ALA A 52 -26.61 -34.89 -6.34
N VAL A 53 -25.52 -35.40 -5.76
CA VAL A 53 -24.62 -36.27 -6.50
C VAL A 53 -25.31 -37.55 -6.95
N GLN A 54 -26.10 -38.17 -6.07
CA GLN A 54 -26.74 -39.44 -6.41
C GLN A 54 -27.74 -39.22 -7.53
N ARG A 55 -28.55 -38.17 -7.39
CA ARG A 55 -29.53 -37.82 -8.41
C ARG A 55 -28.81 -37.68 -9.75
N PHE A 56 -27.69 -36.96 -9.75
CA PHE A 56 -26.96 -36.76 -10.99
C PHE A 56 -26.41 -38.07 -11.57
N ARG A 57 -25.85 -38.91 -10.72
CA ARG A 57 -25.26 -40.16 -11.19
C ARG A 57 -26.30 -41.11 -11.77
N LEU A 58 -27.50 -41.10 -11.20
CA LEU A 58 -28.60 -41.92 -11.71
C LEU A 58 -28.92 -41.54 -13.15
N GLN A 59 -28.96 -40.24 -13.43
CA GLN A 59 -29.29 -39.76 -14.77
C GLN A 59 -28.11 -39.92 -15.74
N ASN A 60 -26.92 -40.12 -15.19
CA ASN A 60 -25.70 -40.14 -15.98
C ASN A 60 -24.75 -41.29 -15.65
N PRO A 61 -25.23 -42.53 -15.76
CA PRO A 61 -24.45 -43.73 -15.40
C PRO A 61 -23.26 -43.93 -16.34
N ASP A 62 -23.35 -43.35 -17.52
CA ASP A 62 -22.35 -43.46 -18.58
C ASP A 62 -21.06 -42.65 -18.33
N LEU A 63 -21.21 -41.43 -17.82
CA LEU A 63 -20.11 -40.48 -17.66
C LEU A 63 -18.80 -41.07 -17.11
N ASP A 64 -17.70 -40.79 -17.77
CA ASP A 64 -16.40 -41.28 -17.30
C ASP A 64 -15.83 -40.33 -16.24
N SER A 65 -16.22 -40.53 -14.99
CA SER A 65 -15.91 -39.59 -13.93
C SER A 65 -14.42 -39.52 -13.61
N GLU A 66 -13.73 -40.65 -13.70
CA GLU A 66 -12.30 -40.65 -13.37
C GLU A 66 -11.49 -39.91 -14.43
N ALA A 67 -11.87 -40.04 -15.70
CA ALA A 67 -11.22 -39.27 -16.75
C ALA A 67 -11.40 -37.77 -16.50
N LEU A 68 -12.60 -37.38 -16.12
CA LEU A 68 -12.90 -35.97 -15.92
C LEU A 68 -12.09 -35.40 -14.74
N LEU A 69 -12.05 -36.15 -13.63
CA LEU A 69 -11.35 -35.72 -12.42
C LEU A 69 -9.83 -35.61 -12.59
N THR A 70 -9.25 -36.38 -13.52
CA THR A 70 -7.79 -36.37 -13.66
C THR A 70 -7.29 -35.35 -14.69
N LEU A 71 -8.22 -34.75 -15.43
CA LEU A 71 -7.87 -33.68 -16.39
C LEU A 71 -7.22 -32.53 -15.64
N PRO A 72 -6.02 -32.13 -16.08
CA PRO A 72 -5.44 -30.90 -15.53
C PRO A 72 -6.39 -29.71 -15.77
N LEU A 73 -6.41 -28.75 -14.86
CA LEU A 73 -7.40 -27.67 -14.96
C LEU A 73 -7.46 -26.98 -16.33
N LEU A 74 -6.30 -26.71 -16.92
CA LEU A 74 -6.31 -26.00 -18.21
C LEU A 74 -7.06 -26.78 -19.26
N GLN A 75 -6.96 -28.11 -19.20
CA GLN A 75 -7.66 -28.96 -20.17
C GLN A 75 -9.15 -29.01 -19.86
N LEU A 76 -9.47 -29.16 -18.58
CA LEU A 76 -10.84 -29.08 -18.09
C LEU A 76 -11.50 -27.79 -18.59
N VAL A 77 -10.78 -26.67 -18.45
CA VAL A 77 -11.28 -25.37 -18.85
C VAL A 77 -11.53 -25.32 -20.38
N GLN A 78 -10.58 -25.85 -21.14
CA GLN A 78 -10.68 -25.87 -22.59
C GLN A 78 -11.92 -26.65 -23.06
N LYS A 79 -12.21 -27.76 -22.39
CA LYS A 79 -13.33 -28.62 -22.78
C LYS A 79 -14.67 -28.04 -22.33
N LEU A 80 -14.63 -27.22 -21.29
CA LEU A 80 -15.82 -26.52 -20.83
C LEU A 80 -16.12 -25.38 -21.79
N GLN A 81 -15.08 -24.68 -22.21
CA GLN A 81 -15.22 -23.59 -23.16
C GLN A 81 -15.72 -24.09 -24.52
N SER A 82 -15.31 -25.29 -24.92
CA SER A 82 -15.64 -25.80 -26.24
C SER A 82 -16.97 -26.57 -26.27
N GLY A 83 -17.48 -26.92 -25.09
CA GLY A 83 -18.75 -27.63 -25.01
C GLY A 83 -18.57 -29.13 -24.96
N GLU A 84 -17.34 -29.61 -25.05
CA GLU A 84 -17.10 -31.04 -25.00
C GLU A 84 -17.55 -31.63 -23.67
N LEU A 85 -17.49 -30.83 -22.61
CA LEU A 85 -17.97 -31.22 -21.29
C LEU A 85 -18.97 -30.21 -20.80
N SER A 86 -20.06 -30.68 -20.22
CA SER A 86 -21.04 -29.74 -19.71
C SER A 86 -20.63 -29.28 -18.32
N PRO A 87 -21.03 -28.06 -17.95
CA PRO A 87 -20.75 -27.57 -16.61
C PRO A 87 -21.40 -28.45 -15.54
N GLU A 88 -22.56 -29.03 -15.84
CA GLU A 88 -23.22 -29.89 -14.89
C GLU A 88 -22.38 -31.14 -14.61
N ALA A 89 -21.86 -31.74 -15.66
CA ALA A 89 -21.05 -32.95 -15.51
C ALA A 89 -19.85 -32.64 -14.64
N VAL A 90 -19.16 -31.55 -14.97
CA VAL A 90 -17.98 -31.16 -14.21
C VAL A 90 -18.35 -30.85 -12.76
N PHE A 91 -19.42 -30.08 -12.57
CA PHE A 91 -19.86 -29.70 -11.21
C PHE A 91 -20.18 -30.89 -10.29
N PHE A 92 -21.10 -31.76 -10.72
CA PHE A 92 -21.50 -32.90 -9.89
C PHE A 92 -20.42 -33.98 -9.71
N THR A 93 -19.56 -34.13 -10.71
CA THR A 93 -18.46 -35.08 -10.59
C THR A 93 -17.48 -34.61 -9.48
N TYR A 94 -17.10 -33.34 -9.52
CA TYR A 94 -16.27 -32.77 -8.45
C TYR A 94 -17.01 -32.74 -7.13
N LEU A 95 -18.30 -32.46 -7.15
CA LEU A 95 -19.07 -32.46 -5.90
C LEU A 95 -18.99 -33.83 -5.25
N GLY A 96 -19.09 -34.88 -6.06
CA GLY A 96 -19.05 -36.24 -5.56
C GLY A 96 -17.69 -36.60 -5.02
N LYS A 97 -16.63 -36.19 -5.72
CA LYS A 97 -15.28 -36.43 -5.26
C LYS A 97 -15.03 -35.72 -3.93
N ALA A 98 -15.45 -34.45 -3.85
CA ALA A 98 -15.28 -33.67 -2.63
C ALA A 98 -15.97 -34.33 -1.43
N TRP A 99 -17.17 -34.84 -1.66
CA TRP A 99 -17.91 -35.49 -0.58
C TRP A 99 -17.15 -36.75 -0.13
N GLU A 100 -16.63 -37.50 -1.10
CA GLU A 100 -15.90 -38.74 -0.82
C GLU A 100 -14.60 -38.46 -0.08
N VAL A 101 -13.79 -37.51 -0.54
CA VAL A 101 -12.49 -37.28 0.11
C VAL A 101 -12.70 -36.62 1.49
N ASN A 102 -13.81 -35.89 1.65
CA ASN A 102 -14.13 -35.33 2.98
C ASN A 102 -14.26 -36.41 4.06
N LYS A 103 -14.65 -37.62 3.66
CA LYS A 103 -14.84 -38.69 4.63
C LYS A 103 -13.68 -38.94 5.49
N GLY A 104 -12.51 -38.95 4.86
CA GLY A 104 -11.26 -39.22 5.56
C GLY A 104 -10.47 -37.98 5.96
N THR A 105 -10.95 -36.79 5.56
CA THR A 105 -10.19 -35.56 5.85
C THR A 105 -10.91 -34.51 6.68
N ASN A 106 -12.24 -34.49 6.64
CA ASN A 106 -12.99 -33.43 7.33
C ASN A 106 -12.51 -32.04 6.95
N CYS A 107 -12.46 -31.80 5.63
CA CYS A 107 -12.01 -30.50 5.11
C CYS A 107 -13.16 -29.54 4.77
N VAL A 108 -14.38 -30.07 4.64
CA VAL A 108 -15.50 -29.27 4.16
C VAL A 108 -16.38 -28.81 5.31
N THR A 109 -16.64 -27.51 5.42
CA THR A 109 -17.52 -27.06 6.51
C THR A 109 -18.94 -26.79 6.01
N SER A 110 -19.07 -26.43 4.74
CA SER A 110 -20.38 -25.97 4.25
C SER A 110 -20.43 -26.11 2.75
N TYR A 111 -21.59 -26.48 2.23
CA TYR A 111 -21.86 -26.51 0.81
C TYR A 111 -22.53 -25.18 0.47
N LEU A 112 -21.95 -24.43 -0.45
CA LEU A 112 -22.47 -23.12 -0.78
C LEU A 112 -23.72 -23.33 -1.65
N THR A 113 -24.87 -23.43 -1.00
CA THR A 113 -26.07 -24.08 -1.56
C THR A 113 -26.52 -23.65 -2.97
N ASP A 114 -26.66 -22.35 -3.18
CA ASP A 114 -27.20 -21.82 -4.43
C ASP A 114 -26.23 -21.97 -5.61
N CYS A 115 -25.10 -22.63 -5.37
CA CYS A 115 -24.08 -22.74 -6.42
C CYS A 115 -24.58 -23.55 -7.60
N GLU A 116 -25.68 -24.27 -7.39
CA GLU A 116 -26.32 -25.01 -8.46
C GLU A 116 -26.97 -24.05 -9.45
N THR A 117 -27.59 -22.99 -8.92
CA THR A 117 -28.17 -21.96 -9.77
C THR A 117 -27.08 -21.10 -10.43
N GLN A 118 -26.01 -20.81 -9.69
CA GLN A 118 -24.86 -20.08 -10.23
C GLN A 118 -24.27 -20.84 -11.42
N LEU A 119 -24.25 -22.15 -11.27
CA LEU A 119 -23.83 -23.05 -12.33
C LEU A 119 -24.57 -22.72 -13.64
N SER A 120 -25.90 -22.69 -13.57
CA SER A 120 -26.72 -22.53 -14.77
C SER A 120 -26.58 -21.17 -15.44
N GLN A 121 -26.09 -20.18 -14.69
CA GLN A 121 -26.01 -18.82 -15.20
C GLN A 121 -24.58 -18.30 -15.32
N ALA A 122 -23.60 -19.21 -15.30
CA ALA A 122 -22.20 -18.78 -15.35
C ALA A 122 -21.87 -18.10 -16.69
N PRO A 123 -21.27 -16.90 -16.65
CA PRO A 123 -20.92 -16.17 -17.87
C PRO A 123 -20.05 -17.00 -18.81
N ARG A 124 -20.49 -17.07 -20.06
CA ARG A 124 -20.05 -18.10 -21.02
C ARG A 124 -18.64 -17.89 -21.55
N GLN A 125 -18.26 -16.63 -21.68
CA GLN A 125 -16.91 -16.30 -22.13
C GLN A 125 -16.00 -16.01 -20.94
N GLY A 126 -16.43 -16.40 -19.74
CA GLY A 126 -15.57 -16.25 -18.59
C GLY A 126 -14.34 -17.14 -18.72
N LEU A 127 -13.20 -16.66 -18.23
CA LEU A 127 -11.95 -17.42 -18.23
C LEU A 127 -11.98 -18.68 -17.34
N LEU A 128 -12.93 -18.73 -16.39
CA LEU A 128 -13.08 -19.89 -15.49
C LEU A 128 -14.47 -20.51 -15.64
N TYR A 129 -15.09 -20.34 -16.81
CA TYR A 129 -16.44 -20.86 -17.06
C TYR A 129 -16.58 -22.34 -16.69
N GLY A 130 -17.52 -22.62 -15.80
CA GLY A 130 -17.83 -23.98 -15.39
C GLY A 130 -16.88 -24.58 -14.36
N VAL A 131 -15.87 -23.84 -13.93
CA VAL A 131 -14.87 -24.42 -13.01
C VAL A 131 -15.34 -24.35 -11.56
N PRO A 132 -15.50 -25.53 -10.92
CA PRO A 132 -15.84 -25.53 -9.49
C PRO A 132 -14.63 -25.03 -8.69
N VAL A 133 -14.84 -24.10 -7.78
CA VAL A 133 -13.74 -23.56 -6.99
C VAL A 133 -14.06 -23.68 -5.51
N SER A 134 -13.07 -24.10 -4.73
CA SER A 134 -13.26 -24.21 -3.29
C SER A 134 -12.72 -22.97 -2.56
N LEU A 135 -13.37 -22.60 -1.47
CA LEU A 135 -13.04 -21.36 -0.78
C LEU A 135 -12.70 -21.62 0.68
N LYS A 136 -11.54 -21.14 1.11
CA LYS A 136 -11.27 -21.06 2.54
C LYS A 136 -12.44 -20.34 3.24
N GLU A 137 -12.76 -20.74 4.47
CA GLU A 137 -14.02 -20.31 5.07
C GLU A 137 -14.12 -18.79 5.23
N CYS A 138 -12.97 -18.12 5.24
CA CYS A 138 -12.96 -16.67 5.45
C CYS A 138 -13.44 -15.86 4.23
N PHE A 139 -13.56 -16.50 3.06
CA PHE A 139 -14.06 -15.79 1.89
C PHE A 139 -15.56 -15.67 1.97
N SER A 140 -16.03 -14.51 2.44
CA SER A 140 -17.46 -14.30 2.69
C SER A 140 -18.33 -14.64 1.51
N TYR A 141 -19.40 -15.39 1.76
CA TYR A 141 -20.29 -15.85 0.72
C TYR A 141 -21.69 -15.55 1.24
N LYS A 142 -22.51 -14.89 0.41
CA LYS A 142 -23.80 -14.43 0.87
C LYS A 142 -24.63 -15.56 1.50
N GLY A 143 -25.12 -15.34 2.72
CA GLY A 143 -26.03 -16.25 3.37
C GLY A 143 -25.34 -17.30 4.22
N HIS A 144 -24.01 -17.27 4.24
CA HIS A 144 -23.25 -18.27 5.01
C HIS A 144 -22.39 -17.63 6.10
N ASP A 145 -22.25 -18.31 7.24
CA ASP A 145 -21.33 -17.86 8.28
C ASP A 145 -19.91 -17.95 7.72
N SER A 146 -19.03 -17.09 8.19
CA SER A 146 -17.59 -17.33 8.11
C SER A 146 -17.14 -17.39 9.56
N THR A 147 -17.18 -18.57 10.17
CA THR A 147 -17.01 -18.65 11.61
C THR A 147 -15.57 -18.46 12.02
N LEU A 148 -14.67 -18.91 11.16
CA LEU A 148 -13.26 -19.07 11.50
C LEU A 148 -13.09 -19.98 12.72
N GLY A 149 -14.10 -20.82 12.98
CA GLY A 149 -14.05 -21.71 14.13
C GLY A 149 -14.33 -21.05 15.47
N LEU A 150 -14.81 -19.82 15.40
CA LEU A 150 -15.05 -19.03 16.60
C LEU A 150 -16.52 -18.92 16.91
N SER A 151 -16.87 -19.28 18.14
CA SER A 151 -18.24 -19.21 18.60
C SER A 151 -18.89 -17.85 18.33
N LEU A 152 -18.14 -16.77 18.51
CA LEU A 152 -18.76 -15.45 18.33
C LEU A 152 -19.13 -15.14 16.87
N ASN A 153 -18.57 -15.89 15.91
CA ASN A 153 -18.96 -15.69 14.51
C ASN A 153 -20.06 -16.62 13.99
N GLU A 154 -20.58 -17.45 14.88
CA GLU A 154 -21.62 -18.40 14.49
C GLU A 154 -22.98 -17.72 14.47
N GLY A 155 -23.83 -18.11 13.53
CA GLY A 155 -25.13 -17.45 13.36
C GLY A 155 -25.04 -16.00 12.89
N MET A 156 -24.02 -15.69 12.09
CA MET A 156 -23.83 -14.34 11.55
C MET A 156 -23.54 -14.43 10.04
N PRO A 157 -24.56 -14.79 9.26
CA PRO A 157 -24.31 -15.05 7.84
C PRO A 157 -23.90 -13.77 7.13
N SER A 158 -23.01 -13.89 6.16
CA SER A 158 -22.57 -12.73 5.40
C SER A 158 -23.72 -12.11 4.61
N GLU A 159 -23.75 -10.78 4.55
CA GLU A 159 -24.78 -10.07 3.81
C GLU A 159 -24.51 -10.16 2.30
N SER A 160 -23.26 -10.35 1.91
CA SER A 160 -22.92 -10.45 0.49
C SER A 160 -21.59 -11.17 0.24
N ASP A 161 -21.36 -11.54 -1.02
CA ASP A 161 -20.13 -12.18 -1.42
C ASP A 161 -18.99 -11.18 -1.28
N CYS A 162 -17.81 -11.62 -0.84
CA CYS A 162 -16.66 -10.71 -0.88
C CYS A 162 -16.31 -10.43 -2.34
N VAL A 163 -15.44 -9.46 -2.54
CA VAL A 163 -15.08 -9.06 -3.89
C VAL A 163 -14.51 -10.18 -4.74
N VAL A 164 -13.54 -10.94 -4.21
CA VAL A 164 -12.92 -11.96 -5.04
C VAL A 164 -13.94 -13.05 -5.42
N VAL A 165 -14.89 -13.34 -4.54
CA VAL A 165 -15.98 -14.27 -4.89
C VAL A 165 -16.82 -13.73 -6.03
N GLN A 166 -17.19 -12.45 -5.96
CA GLN A 166 -17.91 -11.80 -7.06
C GLN A 166 -17.16 -11.93 -8.39
N VAL A 167 -15.85 -11.66 -8.35
CA VAL A 167 -15.06 -11.71 -9.57
C VAL A 167 -14.99 -13.16 -10.08
N LEU A 168 -14.82 -14.13 -9.18
CA LEU A 168 -14.81 -15.53 -9.60
C LEU A 168 -16.08 -15.83 -10.38
N LYS A 169 -17.22 -15.40 -9.84
CA LYS A 169 -18.49 -15.68 -10.45
C LYS A 169 -18.65 -14.96 -11.80
N LEU A 170 -18.17 -13.72 -11.87
CA LEU A 170 -18.22 -12.96 -13.11
C LEU A 170 -17.32 -13.57 -14.17
N GLN A 171 -16.31 -14.35 -13.76
CA GLN A 171 -15.44 -15.06 -14.71
C GLN A 171 -15.95 -16.47 -15.00
N GLY A 172 -17.14 -16.77 -14.48
CA GLY A 172 -17.80 -18.03 -14.78
C GLY A 172 -17.50 -19.22 -13.87
N ALA A 173 -16.68 -19.01 -12.85
CA ALA A 173 -16.36 -20.08 -11.89
C ALA A 173 -17.58 -20.37 -11.02
N VAL A 174 -17.59 -21.54 -10.39
CA VAL A 174 -18.68 -21.90 -9.50
C VAL A 174 -18.12 -22.26 -8.12
N PRO A 175 -18.04 -21.27 -7.22
CA PRO A 175 -17.63 -21.57 -5.84
C PRO A 175 -18.61 -22.53 -5.20
N PHE A 176 -18.13 -23.63 -4.62
CA PHE A 176 -19.05 -24.67 -4.20
C PHE A 176 -18.97 -25.13 -2.76
N VAL A 177 -17.84 -24.90 -2.09
CA VAL A 177 -17.69 -25.25 -0.69
C VAL A 177 -16.82 -24.24 0.07
N HIS A 178 -17.11 -24.10 1.37
CA HIS A 178 -16.18 -23.50 2.32
C HIS A 178 -15.39 -24.63 2.98
N THR A 179 -14.09 -24.41 3.16
CA THR A 179 -13.21 -25.43 3.71
C THR A 179 -12.67 -25.00 5.06
N ASN A 180 -12.29 -25.98 5.86
CA ASN A 180 -11.94 -25.78 7.26
C ASN A 180 -10.64 -24.99 7.48
N VAL A 181 -10.58 -24.30 8.62
CA VAL A 181 -9.41 -23.53 9.04
C VAL A 181 -9.22 -23.80 10.54
N PRO A 182 -7.97 -23.67 11.04
CA PRO A 182 -7.76 -23.72 12.49
C PRO A 182 -8.46 -22.53 13.14
N GLN A 183 -8.91 -22.72 14.37
CA GLN A 183 -9.66 -21.67 15.06
C GLN A 183 -8.94 -20.32 15.02
N SER A 184 -9.61 -19.31 14.48
CA SER A 184 -9.12 -17.91 14.32
C SER A 184 -8.22 -17.68 13.10
N MET A 185 -7.75 -18.77 12.50
CA MET A 185 -6.79 -18.76 11.38
C MET A 185 -5.33 -18.47 11.76
N PHE A 186 -5.06 -18.15 13.02
CA PHE A 186 -3.71 -17.77 13.39
C PHE A 186 -2.91 -19.01 13.82
N SER A 187 -2.60 -19.88 12.86
CA SER A 187 -2.06 -21.21 13.15
C SER A 187 -1.71 -21.87 11.84
N TYR A 188 -0.72 -22.77 11.84
CA TYR A 188 -0.43 -23.58 10.67
C TYR A 188 -0.87 -25.04 10.85
N ASP A 189 -1.78 -25.28 11.78
CA ASP A 189 -2.47 -26.56 11.87
C ASP A 189 -3.89 -26.31 11.33
N CYS A 190 -4.85 -27.19 11.66
CA CYS A 190 -6.18 -26.99 11.09
C CYS A 190 -7.34 -27.61 11.88
N SER A 191 -7.48 -27.24 13.16
CA SER A 191 -8.60 -27.70 14.00
C SER A 191 -9.32 -26.52 14.68
N ASN A 192 -10.64 -26.62 14.82
CA ASN A 192 -11.40 -25.68 15.64
C ASN A 192 -12.52 -26.42 16.41
N PRO A 193 -13.07 -25.78 17.47
CA PRO A 193 -14.10 -26.43 18.29
C PRO A 193 -15.47 -26.54 17.64
N LEU A 194 -15.68 -25.90 16.47
CA LEU A 194 -16.98 -26.02 15.78
C LEU A 194 -17.00 -27.23 14.83
N PHE A 195 -16.08 -27.27 13.88
CA PHE A 195 -16.07 -28.34 12.87
C PHE A 195 -15.03 -29.42 13.14
N GLY A 196 -14.17 -29.22 14.13
CA GLY A 196 -13.19 -30.24 14.44
C GLY A 196 -11.91 -30.14 13.63
N GLN A 197 -11.21 -31.27 13.52
CA GLN A 197 -9.86 -31.31 12.99
C GLN A 197 -9.85 -31.82 11.55
N THR A 198 -9.15 -31.11 10.68
CA THR A 198 -8.95 -31.57 9.29
C THR A 198 -7.66 -32.38 9.29
N MET A 199 -7.66 -33.51 8.58
CA MET A 199 -6.48 -34.38 8.54
C MET A 199 -5.82 -34.36 7.16
N ASN A 200 -4.51 -34.60 7.13
CA ASN A 200 -3.77 -34.68 5.87
C ASN A 200 -4.29 -35.87 5.07
N PRO A 201 -4.51 -35.69 3.75
CA PRO A 201 -5.06 -36.84 3.00
C PRO A 201 -4.00 -37.91 2.75
N TRP A 202 -2.73 -37.58 2.91
CA TRP A 202 -1.67 -38.58 2.74
C TRP A 202 -1.47 -39.48 3.95
N LYS A 203 -1.84 -38.99 5.13
CA LYS A 203 -1.59 -39.77 6.35
C LYS A 203 -2.40 -39.15 7.46
N SER A 204 -3.40 -39.88 7.94
CA SER A 204 -4.43 -39.29 8.78
C SER A 204 -3.92 -38.77 10.13
N SER A 205 -2.76 -39.25 10.57
CA SER A 205 -2.14 -38.77 11.80
C SER A 205 -1.38 -37.46 11.58
N LYS A 206 -1.27 -37.02 10.32
CA LYS A 206 -0.56 -35.78 9.99
C LYS A 206 -1.48 -34.58 9.82
N SER A 207 -0.97 -33.41 10.19
CA SER A 207 -1.64 -32.16 9.86
C SER A 207 -1.62 -31.91 8.34
N PRO A 208 -2.71 -31.34 7.81
CA PRO A 208 -2.71 -30.89 6.41
C PRO A 208 -2.03 -29.52 6.26
N GLY A 209 -1.54 -28.97 7.36
CA GLY A 209 -1.00 -27.61 7.34
C GLY A 209 -2.16 -26.65 7.50
N GLY A 210 -1.89 -25.35 7.40
CA GLY A 210 -2.92 -24.36 7.67
C GLY A 210 -2.27 -22.98 7.58
N SER A 211 -3.06 -21.93 7.72
CA SER A 211 -4.46 -22.06 8.12
C SER A 211 -5.39 -22.46 6.97
N SER A 212 -4.91 -22.40 5.73
CA SER A 212 -5.73 -22.84 4.57
C SER A 212 -5.71 -24.36 4.43
N GLY A 213 -5.88 -25.07 5.53
CA GLY A 213 -5.63 -26.50 5.54
C GLY A 213 -6.76 -27.32 4.91
N GLY A 214 -7.99 -26.86 5.03
CA GLY A 214 -9.10 -27.52 4.37
C GLY A 214 -8.88 -27.50 2.85
N GLU A 215 -8.46 -26.35 2.33
CA GLU A 215 -8.11 -26.24 0.91
C GLU A 215 -7.01 -27.23 0.51
N GLY A 216 -5.93 -27.26 1.28
CA GLY A 216 -4.83 -28.15 0.99
C GLY A 216 -5.31 -29.58 0.93
N ALA A 217 -6.09 -30.00 1.94
CA ALA A 217 -6.53 -31.38 2.00
C ALA A 217 -7.45 -31.73 0.84
N LEU A 218 -8.37 -30.82 0.51
CA LEU A 218 -9.36 -31.06 -0.55
C LEU A 218 -8.70 -31.11 -1.93
N ILE A 219 -7.94 -30.09 -2.26
CA ILE A 219 -7.23 -30.05 -3.55
C ILE A 219 -6.18 -31.18 -3.63
N GLY A 220 -5.50 -31.43 -2.52
CA GLY A 220 -4.44 -32.45 -2.49
C GLY A 220 -4.96 -33.86 -2.67
N SER A 221 -6.28 -34.04 -2.54
CA SER A 221 -6.86 -35.37 -2.66
C SER A 221 -7.77 -35.47 -3.88
N GLY A 222 -7.82 -34.38 -4.65
CA GLY A 222 -8.48 -34.39 -5.94
C GLY A 222 -9.90 -33.89 -5.94
N GLY A 223 -10.35 -33.31 -4.82
CA GLY A 223 -11.74 -32.90 -4.66
C GLY A 223 -12.07 -31.49 -5.14
N SER A 224 -11.06 -30.80 -5.64
CA SER A 224 -11.25 -29.47 -6.20
C SER A 224 -10.08 -29.13 -7.12
N PRO A 225 -10.37 -28.57 -8.30
CA PRO A 225 -9.25 -28.25 -9.21
C PRO A 225 -8.60 -26.89 -8.88
N LEU A 226 -9.25 -26.08 -8.05
CA LEU A 226 -8.79 -24.72 -7.79
C LEU A 226 -9.41 -24.17 -6.51
N GLY A 227 -8.59 -23.52 -5.69
CA GLY A 227 -9.05 -22.96 -4.42
C GLY A 227 -8.40 -21.64 -4.10
N LEU A 228 -9.00 -20.87 -3.19
CA LEU A 228 -8.38 -19.64 -2.69
C LEU A 228 -8.08 -19.73 -1.21
N GLY A 229 -6.91 -19.24 -0.81
CA GLY A 229 -6.54 -19.18 0.61
C GLY A 229 -6.02 -17.80 0.99
N THR A 230 -5.59 -17.61 2.24
CA THR A 230 -4.96 -16.35 2.68
C THR A 230 -3.69 -16.74 3.47
N ASP A 231 -2.81 -15.78 3.73
CA ASP A 231 -1.47 -16.11 4.22
C ASP A 231 -0.93 -14.86 4.89
N ILE A 232 -0.66 -14.95 6.20
CA ILE A 232 0.03 -13.89 6.93
C ILE A 232 1.37 -14.35 7.53
N GLY A 233 1.57 -15.66 7.66
CA GLY A 233 2.84 -16.20 8.12
C GLY A 233 3.22 -17.48 7.43
N GLY A 234 2.47 -17.81 6.36
CA GLY A 234 2.71 -19.05 5.61
C GLY A 234 1.44 -19.82 5.26
N SER A 235 0.27 -19.27 5.61
CA SER A 235 -0.99 -20.04 5.60
C SER A 235 -1.49 -20.57 4.24
N ILE A 236 -0.88 -20.11 3.15
CA ILE A 236 -1.13 -20.69 1.83
C ILE A 236 -0.05 -21.73 1.56
N ARG A 237 1.18 -21.42 1.99
CA ARG A 237 2.32 -22.26 1.63
C ARG A 237 2.46 -23.53 2.48
N PHE A 238 2.23 -23.46 3.80
CA PHE A 238 2.24 -24.65 4.65
C PHE A 238 1.29 -25.76 4.12
N PRO A 239 0.00 -25.43 3.90
CA PRO A 239 -0.89 -26.53 3.47
C PRO A 239 -0.58 -27.00 2.06
N SER A 240 -0.16 -26.10 1.16
CA SER A 240 0.24 -26.54 -0.16
C SER A 240 1.40 -27.53 -0.09
N ALA A 241 2.45 -27.16 0.63
CA ALA A 241 3.60 -28.06 0.81
C ALA A 241 3.27 -29.35 1.54
N PHE A 242 2.52 -29.26 2.64
CA PHE A 242 2.22 -30.44 3.44
C PHE A 242 1.35 -31.43 2.67
N CYS A 243 0.48 -30.93 1.79
CA CYS A 243 -0.45 -31.79 1.06
C CYS A 243 -0.01 -32.06 -0.37
N GLY A 244 1.18 -31.57 -0.74
CA GLY A 244 1.73 -31.81 -2.06
C GLY A 244 1.03 -31.15 -3.26
N ILE A 245 0.63 -29.88 -3.10
CA ILE A 245 0.06 -29.14 -4.23
C ILE A 245 0.78 -27.82 -4.39
N CYS A 246 0.44 -27.04 -5.41
CA CYS A 246 1.11 -25.74 -5.63
C CYS A 246 0.29 -24.62 -5.01
N GLY A 247 0.98 -23.58 -4.50
CA GLY A 247 0.31 -22.43 -3.91
C GLY A 247 1.13 -21.17 -4.13
N LEU A 248 0.45 -20.03 -4.25
CA LEU A 248 1.14 -18.75 -4.41
C LEU A 248 0.58 -17.71 -3.46
N LYS A 249 1.45 -17.08 -2.67
CA LYS A 249 1.08 -15.92 -1.90
C LYS A 249 1.66 -14.67 -2.57
N PRO A 250 0.80 -13.89 -3.27
CA PRO A 250 1.20 -12.66 -3.96
C PRO A 250 1.62 -11.58 -2.96
N THR A 251 2.17 -10.51 -3.49
CA THR A 251 2.30 -9.26 -2.74
C THR A 251 0.93 -8.97 -2.10
N GLY A 252 0.93 -8.47 -0.88
CA GLY A 252 -0.29 -8.31 -0.10
C GLY A 252 -1.41 -7.56 -0.81
N ASN A 253 -1.07 -6.47 -1.48
CA ASN A 253 -2.12 -5.70 -2.12
C ASN A 253 -2.31 -5.99 -3.62
N ARG A 254 -1.85 -7.16 -4.10
CA ARG A 254 -2.09 -7.52 -5.51
C ARG A 254 -3.56 -7.92 -5.80
N LEU A 255 -4.22 -8.55 -4.84
CA LEU A 255 -5.61 -8.98 -4.97
C LEU A 255 -6.48 -8.37 -3.87
N SER A 256 -7.78 -8.24 -4.09
CA SER A 256 -8.64 -7.53 -3.15
C SER A 256 -8.99 -8.32 -1.88
N LYS A 257 -8.82 -7.74 -0.71
CA LYS A 257 -9.28 -8.38 0.53
C LYS A 257 -10.63 -7.85 0.98
N SER A 258 -11.28 -7.08 0.10
CA SER A 258 -12.54 -6.43 0.45
C SER A 258 -13.62 -7.46 0.68
N GLY A 259 -14.23 -7.42 1.87
CA GLY A 259 -15.32 -8.32 2.18
C GLY A 259 -14.89 -9.60 2.90
N LEU A 260 -13.58 -9.85 3.02
CA LEU A 260 -13.09 -11.05 3.68
C LEU A 260 -13.43 -10.97 5.15
N LYS A 261 -13.72 -12.11 5.76
CA LYS A 261 -13.93 -12.18 7.20
C LYS A 261 -12.56 -12.30 7.89
N GLY A 262 -12.31 -11.52 8.94
CA GLY A 262 -11.02 -11.60 9.63
C GLY A 262 -11.16 -11.64 11.14
N CYS A 263 -10.05 -11.60 11.87
CA CYS A 263 -10.16 -11.61 13.33
C CYS A 263 -9.37 -10.50 14.02
N VAL A 264 -8.47 -9.88 13.28
CA VAL A 264 -7.75 -8.70 13.77
C VAL A 264 -7.92 -7.59 12.74
N TYR A 265 -8.22 -6.37 13.18
CA TYR A 265 -8.52 -5.28 12.27
CA TYR A 265 -8.46 -5.33 12.21
C TYR A 265 -7.57 -4.11 12.42
N GLY A 266 -7.05 -3.60 11.31
CA GLY A 266 -6.20 -2.42 11.35
C GLY A 266 -4.73 -2.65 11.62
N GLN A 267 -4.32 -3.92 11.72
CA GLN A 267 -2.89 -4.24 11.82
C GLN A 267 -2.34 -4.20 10.40
N THR A 268 -1.47 -3.24 10.08
CA THR A 268 -0.99 -3.09 8.71
C THR A 268 0.53 -3.21 8.56
N ALA A 269 1.25 -3.40 9.66
CA ALA A 269 2.70 -3.66 9.61
C ALA A 269 3.04 -4.91 8.82
N VAL A 270 2.33 -6.00 9.10
CA VAL A 270 2.48 -7.23 8.33
C VAL A 270 1.13 -7.52 7.65
N GLN A 271 1.06 -7.29 6.35
CA GLN A 271 -0.20 -7.34 5.60
C GLN A 271 -0.62 -8.77 5.29
N LEU A 272 -1.92 -9.05 5.37
CA LEU A 272 -2.46 -10.34 4.90
C LEU A 272 -2.43 -10.37 3.38
N SER A 273 -2.21 -11.54 2.81
CA SER A 273 -2.27 -11.69 1.37
C SER A 273 -3.24 -12.83 1.02
N LEU A 274 -3.92 -12.76 -0.11
CA LEU A 274 -4.75 -13.87 -0.57
C LEU A 274 -4.21 -14.37 -1.89
N GLY A 275 -4.39 -15.66 -2.17
CA GLY A 275 -3.91 -16.23 -3.42
C GLY A 275 -4.41 -17.64 -3.70
N PRO A 276 -4.02 -18.18 -4.85
CA PRO A 276 -4.54 -19.47 -5.32
C PRO A 276 -3.75 -20.67 -4.85
N MET A 277 -4.45 -21.81 -4.78
CA MET A 277 -3.88 -23.11 -4.52
C MET A 277 -4.44 -24.04 -5.60
N ALA A 278 -3.64 -24.98 -6.06
CA ALA A 278 -4.06 -25.82 -7.17
C ALA A 278 -3.06 -26.93 -7.36
N ARG A 279 -3.37 -27.83 -8.30
CA ARG A 279 -2.55 -29.02 -8.54
C ARG A 279 -1.30 -28.74 -9.38
N ASP A 280 -1.27 -27.61 -10.10
CA ASP A 280 -0.11 -27.26 -10.91
C ASP A 280 0.07 -25.75 -11.01
N VAL A 281 1.21 -25.34 -11.58
CA VAL A 281 1.54 -23.92 -11.62
C VAL A 281 0.67 -23.19 -12.63
N GLU A 282 0.42 -23.82 -13.77
CA GLU A 282 -0.40 -23.19 -14.80
C GLU A 282 -1.77 -22.80 -14.27
N SER A 283 -2.32 -23.61 -13.35
CA SER A 283 -3.61 -23.29 -12.71
C SER A 283 -3.54 -22.01 -11.88
N LEU A 284 -2.44 -21.84 -11.16
CA LEU A 284 -2.25 -20.62 -10.37
C LEU A 284 -2.18 -19.41 -11.29
N ALA A 285 -1.45 -19.55 -12.39
CA ALA A 285 -1.37 -18.44 -13.38
C ALA A 285 -2.74 -18.08 -13.97
N LEU A 286 -3.51 -19.09 -14.37
CA LEU A 286 -4.85 -18.86 -14.91
C LEU A 286 -5.74 -18.17 -13.87
N CYS A 287 -5.72 -18.65 -12.64
CA CYS A 287 -6.52 -18.02 -11.59
C CYS A 287 -6.16 -16.53 -11.40
N LEU A 288 -4.87 -16.21 -11.44
CA LEU A 288 -4.43 -14.83 -11.22
C LEU A 288 -4.85 -14.00 -12.41
N LYS A 289 -4.68 -14.57 -13.60
CA LYS A 289 -5.08 -13.88 -14.80
C LYS A 289 -6.58 -13.53 -14.81
N ALA A 290 -7.40 -14.45 -14.29
CA ALA A 290 -8.85 -14.26 -14.26
C ALA A 290 -9.26 -13.27 -13.19
N LEU A 291 -8.55 -13.26 -12.06
CA LEU A 291 -8.85 -12.32 -10.99
C LEU A 291 -8.40 -10.89 -11.33
N LEU A 292 -7.27 -10.76 -12.03
CA LEU A 292 -6.76 -9.41 -12.30
C LEU A 292 -7.44 -8.79 -13.52
N CYS A 293 -8.72 -8.50 -13.41
CA CYS A 293 -9.47 -7.98 -14.55
C CYS A 293 -10.20 -6.72 -14.11
N GLU A 294 -10.80 -6.04 -15.08
CA GLU A 294 -11.49 -4.78 -14.79
C GLU A 294 -12.53 -4.95 -13.69
N HIS A 295 -13.21 -6.10 -13.66
CA HIS A 295 -14.20 -6.39 -12.64
C HIS A 295 -13.63 -6.21 -11.24
N LEU A 296 -12.48 -6.84 -10.99
CA LEU A 296 -11.83 -6.70 -9.67
C LEU A 296 -11.42 -5.26 -9.41
N PHE A 297 -10.79 -4.63 -10.40
CA PHE A 297 -10.24 -3.30 -10.21
C PHE A 297 -11.35 -2.25 -10.02
N THR A 298 -12.53 -2.51 -10.57
CA THR A 298 -13.62 -1.57 -10.34
C THR A 298 -14.36 -1.84 -9.01
N LEU A 299 -14.50 -3.10 -8.63
CA LEU A 299 -15.14 -3.43 -7.35
C LEU A 299 -14.28 -3.01 -6.16
N ASP A 300 -12.96 -3.04 -6.33
CA ASP A 300 -12.05 -2.57 -5.26
C ASP A 300 -10.96 -1.64 -5.81
N PRO A 301 -11.30 -0.35 -5.94
CA PRO A 301 -10.38 0.66 -6.47
C PRO A 301 -9.08 0.77 -5.66
N THR A 302 -9.04 0.23 -4.44
CA THR A 302 -7.84 0.34 -3.62
C THR A 302 -6.71 -0.58 -4.06
N VAL A 303 -7.01 -1.54 -4.92
CA VAL A 303 -6.00 -2.46 -5.46
C VAL A 303 -5.39 -1.88 -6.73
N PRO A 304 -4.05 -1.81 -6.83
CA PRO A 304 -3.51 -1.24 -8.08
C PRO A 304 -3.94 -2.05 -9.29
N PRO A 305 -4.40 -1.36 -10.35
CA PRO A 305 -4.94 -2.11 -11.51
C PRO A 305 -3.81 -2.64 -12.40
N LEU A 306 -3.05 -3.58 -11.87
CA LEU A 306 -1.95 -4.20 -12.60
C LEU A 306 -2.46 -5.46 -13.28
N PRO A 307 -2.60 -5.44 -14.61
CA PRO A 307 -3.04 -6.67 -15.27
C PRO A 307 -1.96 -7.77 -15.20
N PHE A 308 -2.37 -9.03 -15.39
CA PHE A 308 -1.42 -10.14 -15.44
C PHE A 308 -0.56 -9.97 -16.67
N ARG A 309 0.76 -9.84 -16.50
CA ARG A 309 1.66 -9.69 -17.66
C ARG A 309 2.08 -11.03 -18.23
N GLU A 310 1.36 -11.48 -19.25
CA GLU A 310 1.59 -12.78 -19.87
C GLU A 310 3.02 -12.95 -20.37
N GLU A 311 3.55 -11.92 -21.01
CA GLU A 311 4.87 -12.02 -21.60
C GLU A 311 5.94 -12.31 -20.56
N VAL A 312 5.76 -11.82 -19.33
CA VAL A 312 6.73 -12.09 -18.25
C VAL A 312 6.57 -13.55 -17.81
N TYR A 313 5.33 -13.94 -17.56
CA TYR A 313 5.04 -15.31 -17.14
C TYR A 313 5.50 -16.37 -18.15
N ARG A 314 5.32 -16.09 -19.45
CA ARG A 314 5.66 -17.05 -20.51
C ARG A 314 7.13 -17.02 -20.89
N SER A 315 7.87 -16.06 -20.36
CA SER A 315 9.29 -15.93 -20.70
C SER A 315 10.06 -17.20 -20.37
N SER A 316 11.08 -17.49 -21.17
CA SER A 316 11.90 -18.67 -20.93
C SER A 316 13.39 -18.34 -20.93
N ARG A 317 13.74 -17.13 -20.52
CA ARG A 317 15.16 -16.73 -20.43
C ARG A 317 15.84 -17.37 -19.21
N PRO A 318 17.16 -17.60 -19.29
CA PRO A 318 17.95 -18.02 -18.14
C PRO A 318 17.78 -17.08 -16.96
N LEU A 319 17.66 -17.62 -15.75
CA LEU A 319 17.52 -16.80 -14.57
C LEU A 319 18.77 -16.74 -13.72
N ARG A 320 18.96 -15.62 -13.02
CA ARG A 320 19.89 -15.55 -11.90
C ARG A 320 19.09 -15.89 -10.65
N VAL A 321 19.40 -17.06 -10.07
CA VAL A 321 18.64 -17.61 -8.94
C VAL A 321 19.49 -17.58 -7.66
N GLY A 322 19.12 -16.72 -6.70
CA GLY A 322 19.74 -16.80 -5.38
C GLY A 322 19.20 -18.05 -4.71
N TYR A 323 19.93 -18.64 -3.78
CA TYR A 323 19.44 -19.84 -3.10
C TYR A 323 20.08 -19.99 -1.74
N TYR A 324 19.39 -20.63 -0.81
CA TYR A 324 20.00 -21.00 0.46
C TYR A 324 19.47 -22.35 0.86
N GLU A 325 20.30 -23.15 1.52
CA GLU A 325 19.91 -24.50 1.94
C GLU A 325 19.31 -24.47 3.33
N THR A 326 19.60 -23.40 4.06
CA THR A 326 19.13 -23.24 5.42
C THR A 326 19.09 -21.77 5.74
N ASP A 327 18.14 -21.39 6.59
CA ASP A 327 18.08 -20.01 7.05
C ASP A 327 18.80 -19.78 8.36
N ASN A 328 19.54 -20.79 8.83
CA ASN A 328 20.24 -20.69 10.12
C ASN A 328 19.28 -20.45 11.29
N TYR A 329 18.01 -20.73 11.12
CA TYR A 329 17.07 -20.44 12.19
C TYR A 329 16.31 -21.72 12.50
N THR A 330 15.61 -22.22 11.48
CA THR A 330 15.06 -23.56 11.51
C THR A 330 15.98 -24.53 10.72
N MET A 331 16.68 -25.43 11.41
CA MET A 331 17.46 -26.42 10.69
C MET A 331 16.53 -27.18 9.76
N PRO A 332 16.88 -27.28 8.47
CA PRO A 332 15.97 -27.97 7.55
C PRO A 332 15.93 -29.46 7.89
N SER A 333 14.81 -30.13 7.64
CA SER A 333 14.84 -31.59 7.70
C SER A 333 15.75 -32.11 6.61
N PRO A 334 16.28 -33.32 6.77
CA PRO A 334 17.09 -33.88 5.68
C PRO A 334 16.33 -33.91 4.36
N ALA A 335 15.02 -34.19 4.36
CA ALA A 335 14.27 -34.17 3.11
C ALA A 335 14.17 -32.74 2.53
N MET A 336 13.97 -31.76 3.40
CA MET A 336 13.94 -30.37 2.93
C MET A 336 15.24 -29.99 2.24
N ARG A 337 16.36 -30.39 2.85
CA ARG A 337 17.67 -29.98 2.37
C ARG A 337 17.98 -30.66 1.03
N ARG A 338 17.66 -31.95 0.92
CA ARG A 338 17.80 -32.68 -0.33
C ARG A 338 16.93 -32.06 -1.43
N ALA A 339 15.68 -31.77 -1.11
CA ALA A 339 14.77 -31.17 -2.08
C ALA A 339 15.39 -29.89 -2.66
N LEU A 340 15.87 -29.04 -1.77
CA LEU A 340 16.50 -27.77 -2.16
C LEU A 340 17.73 -27.99 -3.05
N ILE A 341 18.64 -28.86 -2.61
CA ILE A 341 19.87 -29.10 -3.37
C ILE A 341 19.62 -29.75 -4.72
N GLU A 342 18.70 -30.71 -4.79
CA GLU A 342 18.37 -31.32 -6.06
C GLU A 342 17.75 -30.31 -7.04
N THR A 343 16.89 -29.43 -6.53
CA THR A 343 16.28 -28.39 -7.37
C THR A 343 17.38 -27.43 -7.86
N LYS A 344 18.27 -27.03 -6.96
CA LYS A 344 19.40 -26.18 -7.37
C LYS A 344 20.22 -26.82 -8.49
N GLN A 345 20.50 -28.10 -8.33
CA GLN A 345 21.31 -28.83 -9.31
C GLN A 345 20.64 -28.98 -10.68
N ARG A 346 19.33 -29.26 -10.69
CA ARG A 346 18.60 -29.34 -11.94
C ARG A 346 18.46 -27.98 -12.61
N LEU A 347 18.29 -26.91 -11.82
CA LEU A 347 18.27 -25.57 -12.39
C LEU A 347 19.62 -25.24 -13.06
N GLU A 348 20.72 -25.49 -12.36
CA GLU A 348 22.04 -25.31 -12.98
C GLU A 348 22.21 -26.11 -14.27
N ALA A 349 21.83 -27.38 -14.24
CA ALA A 349 21.93 -28.22 -15.43
C ALA A 349 21.09 -27.62 -16.57
N ALA A 350 20.08 -26.85 -16.22
CA ALA A 350 19.22 -26.26 -17.24
C ALA A 350 19.67 -24.88 -17.70
N GLY A 351 20.86 -24.44 -17.27
CA GLY A 351 21.44 -23.21 -17.78
C GLY A 351 21.17 -21.96 -16.94
N HIS A 352 20.62 -22.15 -15.75
CA HIS A 352 20.34 -21.02 -14.88
C HIS A 352 21.59 -20.82 -14.02
N THR A 353 21.80 -19.61 -13.52
CA THR A 353 22.93 -19.32 -12.64
C THR A 353 22.48 -19.28 -11.18
N LEU A 354 23.09 -20.14 -10.36
CA LEU A 354 22.65 -20.28 -8.97
C LEU A 354 23.63 -19.60 -8.03
N ILE A 355 23.13 -18.64 -7.26
CA ILE A 355 23.97 -17.73 -6.50
C ILE A 355 23.69 -17.83 -5.01
N PRO A 356 24.71 -18.22 -4.20
CA PRO A 356 24.40 -18.32 -2.77
C PRO A 356 23.93 -16.98 -2.23
N PHE A 357 22.85 -16.97 -1.44
CA PHE A 357 22.24 -15.71 -1.02
C PHE A 357 21.32 -15.97 0.17
N LEU A 358 21.48 -15.21 1.25
CA LEU A 358 20.58 -15.30 2.38
C LEU A 358 20.20 -13.88 2.83
N PRO A 359 18.90 -13.58 2.90
CA PRO A 359 18.52 -12.25 3.42
C PRO A 359 19.16 -11.97 4.78
N ASN A 360 19.66 -10.75 4.95
CA ASN A 360 20.38 -10.40 6.16
C ASN A 360 19.44 -10.32 7.35
N ASN A 361 19.98 -10.51 8.56
CA ASN A 361 19.21 -10.27 9.78
C ASN A 361 17.84 -10.96 9.88
N ILE A 362 17.80 -12.23 9.50
CA ILE A 362 16.58 -13.01 9.65
C ILE A 362 16.01 -13.09 11.09
N PRO A 363 16.88 -13.25 12.11
CA PRO A 363 16.30 -13.35 13.47
C PRO A 363 15.55 -12.07 13.88
N TYR A 364 16.09 -10.93 13.49
CA TYR A 364 15.41 -9.65 13.69
C TYR A 364 14.10 -9.59 12.92
N ALA A 365 14.13 -10.01 11.66
CA ALA A 365 12.92 -9.97 10.85
C ALA A 365 11.81 -10.79 11.51
N LEU A 366 12.18 -11.93 12.10
CA LEU A 366 11.18 -12.87 12.64
C LEU A 366 10.73 -12.46 14.04
N GLU A 367 11.71 -12.22 14.91
CA GLU A 367 11.47 -11.98 16.34
C GLU A 367 10.98 -10.57 16.65
N VAL A 368 11.52 -9.58 15.96
CA VAL A 368 11.24 -8.18 16.27
C VAL A 368 10.19 -7.64 15.31
N LEU A 369 10.47 -7.71 14.00
CA LEU A 369 9.58 -7.09 13.03
C LEU A 369 8.27 -7.87 12.81
N SER A 370 8.36 -9.17 12.52
CA SER A 370 7.16 -9.97 12.25
C SER A 370 6.31 -10.15 13.52
N THR A 371 6.91 -10.68 14.56
CA THR A 371 6.21 -10.93 15.81
C THR A 371 5.68 -9.60 16.39
N GLY A 372 6.53 -8.58 16.40
CA GLY A 372 6.15 -7.28 16.87
C GLY A 372 4.99 -6.67 16.09
N GLY A 373 5.04 -6.79 14.76
CA GLY A 373 3.96 -6.30 13.93
C GLY A 373 2.65 -7.04 14.11
N LEU A 374 2.74 -8.37 14.28
CA LEU A 374 1.55 -9.20 14.40
C LEU A 374 0.90 -8.99 15.77
N PHE A 375 1.72 -8.64 16.77
CA PHE A 375 1.25 -8.55 18.16
C PHE A 375 1.58 -7.20 18.81
N SER A 376 1.54 -6.12 18.04
CA SER A 376 1.91 -4.80 18.57
C SER A 376 1.15 -4.44 19.82
N ASP A 377 -0.09 -4.91 19.91
CA ASP A 377 -0.97 -4.58 21.06
C ASP A 377 -0.98 -5.65 22.14
N GLY A 378 0.01 -6.54 22.11
CA GLY A 378 0.15 -7.58 23.11
C GLY A 378 -0.82 -8.73 22.91
N GLY A 379 -1.58 -8.68 21.82
CA GLY A 379 -2.57 -9.69 21.51
C GLY A 379 -3.98 -9.40 22.01
N ARG A 380 -4.20 -8.22 22.61
CA ARG A 380 -5.53 -7.89 23.14
C ARG A 380 -6.65 -7.94 22.10
N SER A 381 -6.43 -7.35 20.92
CA SER A 381 -7.45 -7.37 19.86
C SER A 381 -7.75 -8.81 19.46
N PHE A 382 -6.69 -9.58 19.23
CA PHE A 382 -6.82 -10.98 18.83
C PHE A 382 -7.59 -11.73 19.90
N LEU A 383 -7.23 -11.46 21.16
CA LEU A 383 -7.86 -12.17 22.28
C LEU A 383 -9.36 -11.93 22.42
N GLN A 384 -9.86 -10.79 21.92
CA GLN A 384 -11.29 -10.49 22.04
C GLN A 384 -12.09 -11.62 21.38
N ASN A 385 -11.54 -12.22 20.34
CA ASN A 385 -12.16 -13.34 19.65
C ASN A 385 -12.42 -14.55 20.53
N PHE A 386 -11.60 -14.75 21.56
CA PHE A 386 -11.70 -15.99 22.33
C PHE A 386 -12.46 -15.86 23.64
N LYS A 387 -12.97 -14.66 23.93
CA LYS A 387 -13.69 -14.47 25.19
C LYS A 387 -14.94 -15.37 25.24
N GLY A 388 -15.06 -16.21 26.28
CA GLY A 388 -16.17 -17.14 26.36
C GLY A 388 -16.09 -18.38 25.46
N ASP A 389 -14.99 -18.54 24.74
CA ASP A 389 -14.87 -19.66 23.79
C ASP A 389 -13.91 -20.71 24.33
N PHE A 390 -14.04 -21.92 23.79
CA PHE A 390 -13.03 -22.94 23.99
C PHE A 390 -11.81 -22.52 23.19
N VAL A 391 -10.64 -23.01 23.60
CA VAL A 391 -9.41 -22.80 22.85
C VAL A 391 -8.99 -24.15 22.30
N ASP A 392 -9.00 -24.30 20.97
CA ASP A 392 -8.68 -25.58 20.34
C ASP A 392 -7.27 -26.03 20.74
N PRO A 393 -7.08 -27.33 21.05
CA PRO A 393 -5.74 -27.80 21.38
C PRO A 393 -4.67 -27.49 20.30
N CYS A 394 -5.08 -27.31 19.05
CA CYS A 394 -4.08 -27.10 18.01
C CYS A 394 -3.38 -25.74 18.13
N LEU A 395 -3.97 -24.85 18.92
CA LEU A 395 -3.39 -23.53 19.18
C LEU A 395 -2.28 -23.56 20.26
N GLY A 396 -2.14 -24.68 20.94
CA GLY A 396 -1.10 -24.82 21.96
C GLY A 396 -1.30 -23.82 23.09
N ASP A 397 -0.22 -23.19 23.52
CA ASP A 397 -0.28 -22.24 24.63
C ASP A 397 -0.36 -20.78 24.20
N LEU A 398 -0.66 -20.54 22.91
CA LEU A 398 -0.62 -19.19 22.35
C LEU A 398 -1.57 -18.24 23.09
N ILE A 399 -2.79 -18.70 23.28
CA ILE A 399 -3.78 -17.91 24.01
C ILE A 399 -3.38 -17.62 25.46
N LEU A 400 -2.94 -18.65 26.17
CA LEU A 400 -2.48 -18.48 27.55
C LEU A 400 -1.27 -17.54 27.63
N ILE A 401 -0.34 -17.67 26.69
CA ILE A 401 0.79 -16.74 26.68
C ILE A 401 0.36 -15.29 26.39
N LEU A 402 -0.47 -15.09 25.37
CA LEU A 402 -0.91 -13.73 25.04
C LEU A 402 -1.67 -13.05 26.20
N ARG A 403 -2.34 -13.83 27.03
CA ARG A 403 -3.15 -13.29 28.13
C ARG A 403 -2.30 -12.83 29.29
N LEU A 404 -1.05 -13.25 29.31
CA LEU A 404 -0.15 -12.83 30.37
C LEU A 404 0.00 -11.32 30.39
N PRO A 405 0.07 -10.72 31.59
CA PRO A 405 0.32 -9.28 31.75
C PRO A 405 1.67 -8.90 31.13
N SER A 406 1.80 -7.67 30.64
CA SER A 406 3.02 -7.26 29.97
C SER A 406 4.24 -7.40 30.88
N TRP A 407 4.09 -7.03 32.15
CA TRP A 407 5.21 -7.07 33.07
C TRP A 407 5.71 -8.48 33.27
N PHE A 408 4.79 -9.43 33.21
CA PHE A 408 5.12 -10.83 33.40
C PHE A 408 5.71 -11.43 32.13
N LYS A 409 5.21 -11.05 30.96
CA LYS A 409 5.86 -11.45 29.72
C LYS A 409 7.33 -11.00 29.76
N ARG A 410 7.54 -9.78 30.22
CA ARG A 410 8.88 -9.21 30.28
C ARG A 410 9.79 -9.96 31.26
N LEU A 411 9.27 -10.17 32.47
CA LEU A 411 10.00 -10.89 33.49
C LEU A 411 10.37 -12.29 33.01
N LEU A 412 9.38 -12.99 32.49
CA LEU A 412 9.58 -14.35 32.00
C LEU A 412 10.62 -14.38 30.88
N SER A 413 10.59 -13.37 30.02
CA SER A 413 11.55 -13.27 28.93
C SER A 413 12.97 -13.11 29.46
N LEU A 414 13.16 -12.24 30.46
CA LEU A 414 14.47 -12.06 31.08
C LEU A 414 15.03 -13.37 31.63
N LEU A 415 14.19 -14.12 32.32
CA LEU A 415 14.57 -15.42 32.89
C LEU A 415 14.94 -16.46 31.81
N LEU A 416 14.16 -16.53 30.75
CA LEU A 416 14.40 -17.51 29.69
C LEU A 416 15.66 -17.21 28.86
N LYS A 417 16.00 -15.93 28.77
CA LYS A 417 17.01 -15.45 27.81
C LYS A 417 18.36 -16.18 27.83
N PRO A 418 18.92 -16.44 29.02
CA PRO A 418 20.22 -17.10 29.11
C PRO A 418 20.21 -18.52 28.57
N LEU A 419 19.10 -19.24 28.76
CA LEU A 419 19.00 -20.64 28.33
C LEU A 419 18.37 -20.82 26.96
N PHE A 420 17.27 -20.08 26.73
CA PHE A 420 16.49 -20.21 25.51
C PHE A 420 16.17 -18.84 24.89
N PRO A 421 17.18 -18.23 24.25
CA PRO A 421 17.11 -16.88 23.67
C PRO A 421 15.98 -16.72 22.67
N ARG A 422 15.74 -17.74 21.86
CA ARG A 422 14.68 -17.68 20.87
C ARG A 422 13.30 -17.51 21.52
N LEU A 423 13.00 -18.34 22.50
CA LEU A 423 11.72 -18.21 23.21
C LEU A 423 11.64 -16.85 23.88
N ALA A 424 12.72 -16.45 24.55
CA ALA A 424 12.78 -15.17 25.22
C ALA A 424 12.46 -14.03 24.25
N ALA A 425 12.99 -14.13 23.03
CA ALA A 425 12.86 -13.04 22.06
C ALA A 425 11.43 -12.93 21.59
N PHE A 426 10.80 -14.05 21.24
CA PHE A 426 9.43 -14.00 20.78
C PHE A 426 8.54 -13.41 21.87
N LEU A 427 8.75 -13.90 23.08
CA LEU A 427 7.94 -13.45 24.21
C LEU A 427 8.05 -11.94 24.46
N ASN A 428 9.26 -11.42 24.49
CA ASN A 428 9.42 -10.01 24.78
C ASN A 428 8.77 -9.14 23.69
N ASN A 429 8.72 -9.68 22.48
CA ASN A 429 8.21 -8.92 21.35
C ASN A 429 6.73 -9.06 21.13
N MET A 430 6.08 -9.80 22.03
CA MET A 430 4.63 -9.97 21.97
C MET A 430 3.94 -9.12 23.03
N ARG A 431 4.62 -8.09 23.51
CA ARG A 431 4.04 -7.18 24.50
C ARG A 431 3.33 -5.97 23.86
N PRO A 432 2.38 -5.39 24.60
CA PRO A 432 1.69 -4.20 24.08
C PRO A 432 2.66 -3.02 24.04
N ARG A 433 2.34 -2.02 23.21
CA ARG A 433 3.20 -0.84 23.13
C ARG A 433 2.42 0.39 22.69
N SER A 434 3.07 1.55 22.79
CA SER A 434 2.47 2.82 22.40
C SER A 434 2.38 2.98 20.87
N ALA A 435 1.54 3.90 20.41
CA ALA A 435 1.47 4.23 19.00
C ALA A 435 2.81 4.76 18.52
N GLU A 436 3.49 5.49 19.38
CA GLU A 436 4.82 6.01 19.11
C GLU A 436 5.80 4.88 18.73
N LYS A 437 5.80 3.83 19.54
CA LYS A 437 6.64 2.66 19.27
C LYS A 437 6.17 1.88 18.03
N LEU A 438 4.88 1.88 17.77
CA LEU A 438 4.40 1.23 16.55
C LEU A 438 4.91 1.96 15.29
N TRP A 439 4.87 3.29 15.30
CA TRP A 439 5.45 4.03 14.18
C TRP A 439 6.91 3.64 13.97
N LYS A 440 7.67 3.55 15.07
CA LYS A 440 9.08 3.20 14.93
C LYS A 440 9.24 1.80 14.31
N LEU A 441 8.41 0.87 14.75
CA LEU A 441 8.47 -0.50 14.24
C LEU A 441 8.09 -0.54 12.75
N GLN A 442 7.06 0.22 12.38
CA GLN A 442 6.63 0.31 10.99
CA GLN A 442 6.64 0.29 11.00
C GLN A 442 7.74 0.88 10.12
N HIS A 443 8.44 1.90 10.65
CA HIS A 443 9.56 2.46 9.92
C HIS A 443 10.67 1.41 9.76
N GLU A 444 10.97 0.65 10.82
CA GLU A 444 11.99 -0.40 10.71
C GLU A 444 11.63 -1.49 9.68
N ILE A 445 10.34 -1.77 9.57
CA ILE A 445 9.83 -2.75 8.62
C ILE A 445 10.07 -2.25 7.22
N GLU A 446 9.78 -0.97 7.02
CA GLU A 446 10.01 -0.33 5.74
C GLU A 446 11.50 -0.33 5.37
N MET A 447 12.37 0.00 6.32
CA MET A 447 13.79 0.06 6.03
CA MET A 447 13.80 0.06 6.04
C MET A 447 14.40 -1.33 5.82
N TYR A 448 13.91 -2.32 6.57
CA TYR A 448 14.37 -3.69 6.39
C TYR A 448 13.99 -4.17 4.98
N ARG A 449 12.82 -3.78 4.49
CA ARG A 449 12.41 -4.20 3.14
C ARG A 449 13.36 -3.62 2.10
N GLN A 450 13.67 -2.34 2.25
CA GLN A 450 14.66 -1.70 1.37
C GLN A 450 16.07 -2.29 1.52
N SER A 451 16.46 -2.68 2.73
CA SER A 451 17.74 -3.36 2.93
C SER A 451 17.85 -4.67 2.13
N VAL A 452 16.84 -5.55 2.24
CA VAL A 452 16.87 -6.82 1.51
C VAL A 452 16.80 -6.59 0.00
N ILE A 453 15.98 -5.63 -0.43
CA ILE A 453 15.93 -5.28 -1.85
C ILE A 453 17.30 -4.83 -2.35
N ALA A 454 17.97 -3.96 -1.59
CA ALA A 454 19.35 -3.55 -1.97
C ALA A 454 20.30 -4.75 -2.05
N GLN A 455 20.23 -5.63 -1.06
CA GLN A 455 21.07 -6.83 -1.03
C GLN A 455 20.87 -7.69 -2.27
N TRP A 456 19.59 -7.86 -2.64
CA TRP A 456 19.14 -8.61 -3.79
C TRP A 456 19.72 -8.00 -5.06
N LYS A 457 19.53 -6.70 -5.23
CA LYS A 457 20.02 -6.02 -6.42
C LYS A 457 21.55 -6.04 -6.49
N ALA A 458 22.24 -5.98 -5.36
CA ALA A 458 23.71 -6.05 -5.41
C ALA A 458 24.21 -7.36 -6.01
N MET A 459 23.45 -8.44 -5.92
CA MET A 459 23.84 -9.72 -6.51
C MET A 459 23.13 -9.90 -7.84
N ASN A 460 22.41 -8.87 -8.25
CA ASN A 460 21.67 -8.91 -9.49
C ASN A 460 20.79 -10.17 -9.61
N LEU A 461 20.04 -10.52 -8.57
CA LEU A 461 19.16 -11.69 -8.64
C LEU A 461 17.95 -11.40 -9.51
N ASP A 462 17.42 -12.45 -10.16
CA ASP A 462 16.08 -12.38 -10.72
C ASP A 462 15.07 -12.94 -9.70
N VAL A 463 15.41 -14.07 -9.09
CA VAL A 463 14.50 -14.77 -8.19
C VAL A 463 15.30 -15.45 -7.08
N LEU A 464 14.58 -16.04 -6.13
CA LEU A 464 15.22 -16.65 -4.96
C LEU A 464 14.57 -18.00 -4.62
N LEU A 465 15.41 -19.02 -4.45
CA LEU A 465 14.98 -20.37 -4.17
C LEU A 465 15.31 -20.70 -2.72
N THR A 466 14.32 -21.17 -1.96
CA THR A 466 14.57 -21.43 -0.55
C THR A 466 13.96 -22.77 -0.13
N PRO A 467 14.41 -23.29 1.02
CA PRO A 467 13.71 -24.45 1.54
C PRO A 467 12.25 -24.10 1.88
N MET A 468 11.40 -25.13 1.95
CA MET A 468 10.03 -24.97 2.44
C MET A 468 9.77 -26.02 3.53
N LEU A 469 9.12 -25.62 4.62
CA LEU A 469 8.91 -26.55 5.73
C LEU A 469 8.19 -27.81 5.26
N GLY A 470 8.79 -28.96 5.60
CA GLY A 470 8.18 -30.25 5.35
C GLY A 470 9.11 -31.34 5.87
N PRO A 471 8.63 -32.59 5.92
CA PRO A 471 7.27 -33.00 5.54
C PRO A 471 6.27 -32.61 6.63
N ALA A 472 5.00 -32.93 6.40
CA ALA A 472 3.94 -32.55 7.32
C ALA A 472 4.19 -32.96 8.77
N LEU A 473 3.89 -32.07 9.70
CA LEU A 473 3.95 -32.35 11.13
C LEU A 473 2.73 -33.12 11.65
N ASP A 474 2.91 -33.91 12.71
CA ASP A 474 1.77 -34.57 13.34
C ASP A 474 0.72 -33.55 13.72
N LEU A 475 -0.53 -33.99 13.71
CA LEU A 475 -1.62 -33.21 14.21
C LEU A 475 -1.26 -32.60 15.58
N ASN A 476 -1.71 -31.37 15.80
CA ASN A 476 -1.58 -30.69 17.08
C ASN A 476 -0.14 -30.38 17.50
N THR A 477 0.77 -30.37 16.53
CA THR A 477 2.16 -30.00 16.81
C THR A 477 2.61 -28.66 16.24
N PRO A 478 2.07 -28.24 15.07
CA PRO A 478 2.44 -26.89 14.65
C PRO A 478 2.32 -25.80 15.76
N GLY A 479 1.29 -25.91 16.61
CA GLY A 479 1.09 -25.01 17.72
C GLY A 479 2.23 -25.03 18.71
N ARG A 480 3.05 -26.08 18.66
CA ARG A 480 4.16 -26.21 19.62
C ARG A 480 5.54 -26.06 18.94
N ALA A 481 5.53 -25.64 17.68
CA ALA A 481 6.77 -25.49 16.91
C ALA A 481 6.70 -24.15 16.18
N THR A 482 6.58 -23.07 16.95
CA THR A 482 6.40 -21.75 16.33
C THR A 482 7.63 -21.34 15.52
N GLY A 483 8.80 -21.75 15.97
CA GLY A 483 10.04 -21.37 15.29
C GLY A 483 10.04 -21.75 13.82
N ALA A 484 9.32 -22.81 13.46
CA ALA A 484 9.39 -23.36 12.10
C ALA A 484 8.64 -22.51 11.05
N VAL A 485 7.99 -21.42 11.49
CA VAL A 485 7.44 -20.49 10.49
C VAL A 485 8.53 -19.65 9.81
N SER A 486 9.78 -19.86 10.22
CA SER A 486 10.85 -18.99 9.76
C SER A 486 10.94 -18.91 8.24
N TYR A 487 10.83 -20.04 7.55
CA TYR A 487 11.04 -20.07 6.09
C TYR A 487 9.97 -19.26 5.35
N THR A 488 8.76 -19.26 5.89
CA THR A 488 7.67 -18.55 5.24
C THR A 488 7.41 -17.11 5.73
N MET A 489 7.38 -16.91 7.04
CA MET A 489 6.97 -15.61 7.58
C MET A 489 7.95 -14.52 7.18
N LEU A 490 9.19 -14.92 6.89
CA LEU A 490 10.15 -13.94 6.37
C LEU A 490 9.57 -13.14 5.19
N TYR A 491 8.82 -13.80 4.31
CA TYR A 491 8.36 -13.12 3.07
C TYR A 491 7.02 -12.40 3.22
N ASN A 492 6.31 -12.70 4.31
CA ASN A 492 5.22 -11.84 4.75
C ASN A 492 5.80 -10.52 5.30
N CYS A 493 6.81 -10.61 6.16
CA CYS A 493 7.47 -9.42 6.71
C CYS A 493 7.97 -8.52 5.57
N LEU A 494 8.62 -9.13 4.58
CA LEU A 494 9.18 -8.41 3.43
C LEU A 494 8.12 -8.06 2.38
N ASP A 495 6.97 -8.73 2.48
CA ASP A 495 5.91 -8.61 1.49
C ASP A 495 6.44 -8.83 0.06
N PHE A 496 7.06 -9.99 -0.19
CA PHE A 496 7.53 -10.38 -1.52
C PHE A 496 6.56 -11.49 -1.95
N PRO A 497 6.27 -11.60 -3.25
CA PRO A 497 5.50 -12.80 -3.63
C PRO A 497 6.32 -14.08 -3.42
N ALA A 498 5.68 -15.12 -2.89
CA ALA A 498 6.36 -16.38 -2.60
C ALA A 498 5.39 -17.54 -2.88
N GLY A 499 5.84 -18.55 -3.60
CA GLY A 499 5.00 -19.70 -3.84
C GLY A 499 5.74 -21.00 -3.59
N VAL A 500 5.01 -22.12 -3.55
CA VAL A 500 5.68 -23.39 -3.31
C VAL A 500 5.30 -24.41 -4.37
N VAL A 501 6.25 -25.30 -4.68
CA VAL A 501 6.05 -26.34 -5.68
C VAL A 501 6.53 -27.67 -5.09
N PRO A 502 5.73 -28.75 -5.23
CA PRO A 502 6.20 -30.08 -4.76
C PRO A 502 7.36 -30.57 -5.62
N VAL A 503 8.44 -31.07 -5.03
CA VAL A 503 9.54 -31.52 -5.85
C VAL A 503 10.02 -32.94 -5.52
N THR A 504 9.68 -33.46 -4.35
CA THR A 504 10.09 -34.83 -4.04
C THR A 504 9.20 -35.41 -2.95
N THR A 505 9.52 -36.63 -2.50
CA THR A 505 8.81 -37.24 -1.37
C THR A 505 9.84 -37.77 -0.40
N VAL A 506 9.46 -37.93 0.86
CA VAL A 506 10.43 -38.38 1.87
C VAL A 506 10.85 -39.84 1.58
N THR A 507 12.15 -40.10 1.58
CA THR A 507 12.65 -41.47 1.42
C THR A 507 12.99 -42.08 2.77
N ALA A 508 13.18 -43.41 2.78
CA ALA A 508 13.60 -44.10 3.97
C ALA A 508 14.84 -43.44 4.58
N GLU A 509 15.81 -43.10 3.74
CA GLU A 509 17.05 -42.49 4.20
C GLU A 509 16.77 -41.10 4.79
N ASP A 510 15.99 -40.27 4.09
CA ASP A 510 15.58 -38.94 4.63
C ASP A 510 15.02 -39.15 6.03
N ASP A 511 14.10 -40.11 6.14
CA ASP A 511 13.36 -40.31 7.36
C ASP A 511 14.27 -40.82 8.50
N ALA A 512 15.22 -41.68 8.17
CA ALA A 512 16.20 -42.17 9.13
C ALA A 512 17.10 -41.05 9.62
N GLN A 513 17.50 -40.17 8.71
CA GLN A 513 18.41 -39.09 9.08
C GLN A 513 17.73 -38.11 10.05
N MET A 514 16.41 -38.00 9.94
CA MET A 514 15.65 -37.07 10.78
C MET A 514 15.79 -37.47 12.23
N GLU A 515 16.08 -38.76 12.47
CA GLU A 515 16.22 -39.24 13.83
C GLU A 515 17.44 -38.65 14.53
N LEU A 516 18.36 -38.06 13.77
CA LEU A 516 19.55 -37.40 14.32
C LEU A 516 19.39 -35.87 14.41
N TYR A 517 18.26 -35.35 13.95
CA TYR A 517 18.02 -33.91 13.92
C TYR A 517 18.21 -33.21 15.28
N LYS A 518 19.02 -32.16 15.32
CA LYS A 518 19.22 -31.42 16.58
C LYS A 518 18.66 -29.98 16.61
N GLY A 519 18.54 -29.36 15.45
CA GLY A 519 18.11 -27.97 15.38
C GLY A 519 19.28 -27.09 15.78
N TYR A 520 19.14 -25.78 15.64
CA TYR A 520 20.23 -24.86 15.99
C TYR A 520 20.15 -24.35 17.41
N PHE A 521 19.02 -24.57 18.08
CA PHE A 521 18.79 -23.99 19.40
C PHE A 521 18.58 -24.99 20.53
N GLY A 522 18.10 -26.18 20.20
CA GLY A 522 17.90 -27.22 21.21
C GLY A 522 16.82 -26.84 22.20
N ASP A 523 15.97 -25.89 21.84
CA ASP A 523 14.84 -25.50 22.69
C ASP A 523 13.61 -26.36 22.39
N ILE A 524 12.51 -26.12 23.10
CA ILE A 524 11.34 -26.99 22.90
C ILE A 524 10.85 -27.06 21.44
N TRP A 525 11.01 -26.00 20.66
CA TRP A 525 10.56 -25.98 19.27
C TRP A 525 11.38 -26.92 18.36
N ASP A 526 12.69 -26.95 18.55
CA ASP A 526 13.52 -27.89 17.83
C ASP A 526 13.21 -29.34 18.23
N ILE A 527 12.99 -29.56 19.52
CA ILE A 527 12.71 -30.91 20.05
C ILE A 527 11.38 -31.43 19.53
N ILE A 528 10.34 -30.60 19.60
CA ILE A 528 9.04 -30.98 19.04
C ILE A 528 9.13 -31.33 17.54
N LEU A 529 9.88 -30.54 16.77
CA LEU A 529 9.90 -30.72 15.32
C LEU A 529 10.42 -32.11 14.93
N LYS A 530 11.47 -32.56 15.59
CA LYS A 530 11.99 -33.88 15.36
C LYS A 530 10.92 -34.94 15.59
N LYS A 531 10.18 -34.84 16.68
CA LYS A 531 9.19 -35.85 16.98
C LYS A 531 8.00 -35.76 16.03
N ALA A 532 7.58 -34.52 15.77
CA ALA A 532 6.43 -34.25 14.92
C ALA A 532 6.65 -34.65 13.46
N MET A 533 7.90 -34.77 13.03
CA MET A 533 8.18 -35.20 11.67
C MET A 533 8.50 -36.69 11.57
N LYS A 534 8.45 -37.40 12.69
CA LYS A 534 8.69 -38.84 12.67
C LYS A 534 7.67 -39.53 11.75
N ASN A 535 8.06 -40.67 11.18
CA ASN A 535 7.15 -41.51 10.40
C ASN A 535 6.57 -40.81 9.17
N SER A 536 7.45 -40.31 8.32
CA SER A 536 7.02 -39.49 7.19
C SER A 536 7.37 -40.05 5.81
N VAL A 537 7.83 -41.29 5.75
CA VAL A 537 8.23 -41.84 4.45
C VAL A 537 7.10 -41.72 3.44
N GLY A 538 7.41 -41.18 2.26
CA GLY A 538 6.39 -41.07 1.22
C GLY A 538 5.66 -39.72 1.17
N LEU A 539 5.79 -38.89 2.19
CA LEU A 539 5.09 -37.60 2.21
C LEU A 539 5.74 -36.59 1.27
N PRO A 540 4.93 -35.67 0.70
CA PRO A 540 5.49 -34.68 -0.23
C PRO A 540 6.36 -33.61 0.48
N VAL A 541 7.40 -33.17 -0.22
CA VAL A 541 8.25 -32.06 0.23
C VAL A 541 8.40 -31.04 -0.90
N ALA A 542 8.36 -29.75 -0.54
CA ALA A 542 8.36 -28.68 -1.51
C ALA A 542 9.63 -27.83 -1.41
N VAL A 543 9.80 -26.92 -2.37
CA VAL A 543 10.70 -25.77 -2.20
C VAL A 543 9.86 -24.49 -2.37
N GLN A 544 10.44 -23.36 -1.96
CA GLN A 544 9.78 -22.05 -2.07
C GLN A 544 10.49 -21.18 -3.11
N CYS A 545 9.69 -20.47 -3.92
CA CYS A 545 10.18 -19.60 -4.98
C CYS A 545 9.72 -18.19 -4.67
N VAL A 546 10.64 -17.24 -4.70
CA VAL A 546 10.39 -15.86 -4.32
C VAL A 546 10.82 -14.88 -5.43
N ALA A 547 10.06 -13.80 -5.60
CA ALA A 547 10.51 -12.69 -6.47
C ALA A 547 10.27 -11.37 -5.74
N LEU A 548 10.59 -10.26 -6.40
CA LEU A 548 10.42 -8.95 -5.76
C LEU A 548 8.96 -8.54 -5.71
N PRO A 549 8.63 -7.55 -4.86
CA PRO A 549 7.25 -7.04 -4.82
C PRO A 549 6.66 -6.77 -6.20
N TRP A 550 5.39 -7.15 -6.36
CA TRP A 550 4.64 -7.00 -7.61
C TRP A 550 5.14 -7.87 -8.75
N GLN A 551 6.03 -8.81 -8.47
CA GLN A 551 6.51 -9.64 -9.56
CA GLN A 551 6.59 -9.68 -9.50
C GLN A 551 5.96 -11.08 -9.49
N GLU A 552 4.64 -11.16 -9.35
CA GLU A 552 3.96 -12.46 -9.32
C GLU A 552 4.18 -13.27 -10.60
N GLU A 553 4.14 -12.60 -11.76
CA GLU A 553 4.33 -13.25 -13.05
C GLU A 553 5.69 -13.95 -13.14
N LEU A 554 6.74 -13.26 -12.68
CA LEU A 554 8.09 -13.78 -12.70
C LEU A 554 8.22 -14.90 -11.69
N CYS A 555 7.60 -14.70 -10.53
CA CYS A 555 7.60 -15.74 -9.50
C CYS A 555 6.96 -17.04 -10.05
N LEU A 556 5.82 -16.92 -10.69
CA LEU A 556 5.18 -18.07 -11.34
C LEU A 556 6.01 -18.64 -12.51
N ARG A 557 6.68 -17.79 -13.28
CA ARG A 557 7.58 -18.28 -14.34
C ARG A 557 8.66 -19.18 -13.74
N PHE A 558 9.19 -18.76 -12.60
CA PHE A 558 10.20 -19.54 -11.90
C PHE A 558 9.59 -20.84 -11.33
N MET A 559 8.40 -20.76 -10.74
CA MET A 559 7.72 -21.96 -10.24
C MET A 559 7.50 -22.99 -11.37
N ARG A 560 7.08 -22.49 -12.52
CA ARG A 560 6.87 -23.33 -13.70
C ARG A 560 8.17 -24.06 -14.07
N GLU A 561 9.29 -23.34 -14.05
CA GLU A 561 10.58 -23.97 -14.34
C GLU A 561 10.93 -25.09 -13.35
N VAL A 562 10.74 -24.83 -12.06
CA VAL A 562 10.96 -25.86 -11.04
C VAL A 562 10.04 -27.08 -11.28
N GLU A 563 8.76 -26.80 -11.52
CA GLU A 563 7.80 -27.86 -11.82
C GLU A 563 8.22 -28.71 -13.02
N GLN A 564 8.71 -28.07 -14.08
CA GLN A 564 9.17 -28.81 -15.26
C GLN A 564 10.38 -29.70 -14.97
N LEU A 565 11.22 -29.29 -14.04
CA LEU A 565 12.47 -30.00 -13.81
C LEU A 565 12.36 -31.09 -12.75
N MET A 566 11.48 -30.89 -11.78
CA MET A 566 11.42 -31.79 -10.62
C MET A 566 10.28 -32.76 -10.70
N THR A 567 9.27 -32.43 -11.49
CA THR A 567 8.21 -33.38 -11.75
C THR A 567 7.96 -33.46 -13.25
N PRO A 568 8.83 -34.19 -13.96
CA PRO A 568 8.79 -34.27 -15.43
C PRO A 568 7.70 -35.23 -15.94
N GLY B 27 20.99 29.55 25.01
CA GLY B 27 20.14 28.39 24.77
C GLY B 27 19.77 28.24 23.30
N ARG B 28 20.20 29.21 22.49
CA ARG B 28 19.91 29.20 21.06
C ARG B 28 21.15 29.39 20.19
N GLN B 29 22.34 29.36 20.79
CA GLN B 29 23.52 29.59 19.98
C GLN B 29 23.59 28.57 18.85
N LYS B 30 23.23 27.33 19.15
CA LYS B 30 23.21 26.26 18.15
C LYS B 30 22.36 26.66 16.94
N ALA B 31 21.10 27.01 17.18
CA ALA B 31 20.17 27.39 16.12
C ALA B 31 20.60 28.68 15.40
N ARG B 32 21.20 29.61 16.14
CA ARG B 32 21.73 30.82 15.52
C ARG B 32 22.89 30.54 14.58
N GLY B 33 23.80 29.66 15.01
CA GLY B 33 24.93 29.25 14.17
C GLY B 33 24.41 28.55 12.92
N ALA B 34 23.43 27.68 13.10
CA ALA B 34 22.86 26.99 11.94
C ALA B 34 22.32 27.99 10.92
N ALA B 35 21.57 28.98 11.41
CA ALA B 35 20.93 29.93 10.51
C ALA B 35 22.01 30.75 9.79
N THR B 36 23.05 31.17 10.52
CA THR B 36 24.17 31.89 9.91
C THR B 36 24.82 31.10 8.80
N ARG B 37 25.12 29.81 9.05
CA ARG B 37 25.73 29.00 7.98
C ARG B 37 24.78 28.81 6.82
N ALA B 38 23.49 28.63 7.10
CA ALA B 38 22.55 28.36 6.01
C ALA B 38 22.42 29.58 5.08
N ARG B 39 22.25 30.75 5.68
CA ARG B 39 22.18 31.99 4.92
C ARG B 39 23.45 32.22 4.09
N GLN B 40 24.61 31.88 4.64
CA GLN B 40 25.84 32.06 3.87
C GLN B 40 25.84 31.10 2.70
N LYS B 41 25.34 29.89 2.91
CA LYS B 41 25.35 28.90 1.84
C LYS B 41 24.39 29.26 0.71
N GLN B 42 23.23 29.80 1.08
CA GLN B 42 22.24 30.26 0.12
C GLN B 42 22.79 31.47 -0.68
N ARG B 43 23.45 32.39 0.02
CA ARG B 43 24.01 33.62 -0.59
C ARG B 43 25.05 33.22 -1.64
N ALA B 44 25.91 32.28 -1.26
CA ALA B 44 26.95 31.77 -2.14
C ALA B 44 26.39 31.00 -3.33
N SER B 45 25.29 30.26 -3.11
CA SER B 45 24.63 29.57 -4.22
C SER B 45 24.07 30.56 -5.25
N LEU B 46 23.43 31.61 -4.75
CA LEU B 46 22.86 32.61 -5.63
C LEU B 46 23.95 33.36 -6.39
N GLU B 47 25.06 33.64 -5.71
CA GLU B 47 26.20 34.30 -6.39
C GLU B 47 26.80 33.41 -7.48
N THR B 48 26.92 32.11 -7.20
CA THR B 48 27.35 31.14 -8.21
C THR B 48 26.42 31.15 -9.43
N MET B 49 25.10 31.18 -9.20
CA MET B 49 24.14 31.27 -10.30
C MET B 49 24.33 32.55 -11.12
N ASP B 50 24.40 33.69 -10.42
CA ASP B 50 24.59 34.99 -11.07
C ASP B 50 25.83 34.93 -11.96
N LYS B 51 26.93 34.39 -11.44
CA LYS B 51 28.15 34.31 -12.26
C LYS B 51 27.92 33.47 -13.52
N ALA B 52 27.31 32.31 -13.37
CA ALA B 52 27.09 31.39 -14.48
C ALA B 52 26.18 32.02 -15.52
N VAL B 53 25.17 32.74 -15.05
CA VAL B 53 24.19 33.35 -15.94
C VAL B 53 24.85 34.45 -16.78
N GLN B 54 25.65 35.28 -16.14
CA GLN B 54 26.25 36.40 -16.85
C GLN B 54 27.25 35.91 -17.88
N ARG B 55 27.98 34.86 -17.54
CA ARG B 55 28.97 34.29 -18.43
C ARG B 55 28.25 33.81 -19.69
N PHE B 56 27.14 33.09 -19.49
CA PHE B 56 26.36 32.57 -20.60
C PHE B 56 25.81 33.68 -21.45
N ARG B 57 25.20 34.68 -20.82
CA ARG B 57 24.60 35.76 -21.60
C ARG B 57 25.61 36.50 -22.48
N LEU B 58 26.81 36.74 -21.96
CA LEU B 58 27.82 37.41 -22.76
C LEU B 58 28.15 36.64 -24.04
N GLN B 59 27.99 35.32 -23.99
CA GLN B 59 28.27 34.48 -25.15
C GLN B 59 27.07 34.34 -26.08
N ASN B 60 25.90 34.75 -25.61
CA ASN B 60 24.65 34.57 -26.37
C ASN B 60 23.78 35.82 -26.35
N PRO B 61 24.32 36.92 -26.86
CA PRO B 61 23.63 38.21 -26.76
C PRO B 61 22.38 38.24 -27.64
N ASP B 62 22.31 37.38 -28.64
CA ASP B 62 21.18 37.41 -29.58
C ASP B 62 20.03 36.48 -29.18
N LEU B 63 20.23 35.66 -28.15
CA LEU B 63 19.21 34.70 -27.75
C LEU B 63 17.92 35.39 -27.30
N ASP B 64 16.80 34.96 -27.88
CA ASP B 64 15.50 35.50 -27.48
C ASP B 64 15.01 34.77 -26.23
N SER B 65 15.46 35.24 -25.07
CA SER B 65 15.15 34.56 -23.81
C SER B 65 13.67 34.61 -23.46
N GLU B 66 12.99 35.71 -23.78
CA GLU B 66 11.56 35.79 -23.46
C GLU B 66 10.79 34.71 -24.22
N ALA B 67 11.14 34.54 -25.48
CA ALA B 67 10.48 33.53 -26.31
C ALA B 67 10.69 32.17 -25.69
N LEU B 68 11.93 31.89 -25.29
CA LEU B 68 12.29 30.59 -24.74
C LEU B 68 11.53 30.33 -23.42
N LEU B 69 11.55 31.31 -22.52
CA LEU B 69 10.89 31.20 -21.23
C LEU B 69 9.37 31.05 -21.31
N THR B 70 8.75 31.49 -22.41
CA THR B 70 7.30 31.43 -22.47
C THR B 70 6.76 30.22 -23.25
N LEU B 71 7.65 29.42 -23.82
CA LEU B 71 7.20 28.21 -24.52
C LEU B 71 6.60 27.29 -23.49
N PRO B 72 5.42 26.74 -23.78
CA PRO B 72 4.88 25.67 -22.93
C PRO B 72 5.85 24.48 -22.89
N LEU B 73 5.93 23.79 -21.76
CA LEU B 73 6.93 22.72 -21.60
C LEU B 73 6.93 21.70 -22.72
N LEU B 74 5.73 21.33 -23.19
CA LEU B 74 5.62 20.35 -24.26
C LEU B 74 6.42 20.80 -25.51
N GLN B 75 6.28 22.08 -25.88
CA GLN B 75 6.97 22.61 -27.05
C GLN B 75 8.45 22.79 -26.74
N LEU B 76 8.76 23.19 -25.50
CA LEU B 76 10.14 23.28 -25.06
C LEU B 76 10.82 21.92 -25.19
N VAL B 77 10.14 20.88 -24.71
CA VAL B 77 10.68 19.52 -24.80
C VAL B 77 10.93 19.10 -26.25
N GLN B 78 9.99 19.43 -27.12
CA GLN B 78 10.08 19.11 -28.54
C GLN B 78 11.29 19.78 -29.19
N LYS B 79 11.52 21.04 -28.87
CA LYS B 79 12.65 21.76 -29.47
C LYS B 79 13.99 21.26 -28.95
N LEU B 80 14.02 20.85 -27.68
CA LEU B 80 15.22 20.23 -27.14
C LEU B 80 15.47 18.88 -27.83
N GLN B 81 14.41 18.11 -28.01
CA GLN B 81 14.57 16.79 -28.61
C GLN B 81 15.02 16.86 -30.08
N SER B 82 14.60 17.92 -30.81
CA SER B 82 14.96 18.03 -32.21
C SER B 82 16.32 18.69 -32.40
N GLY B 83 16.83 19.36 -31.37
CA GLY B 83 18.08 20.09 -31.49
C GLY B 83 17.90 21.55 -31.79
N GLU B 84 16.66 21.98 -32.02
CA GLU B 84 16.40 23.39 -32.31
C GLU B 84 16.84 24.32 -31.17
N LEU B 85 16.62 23.90 -29.94
CA LEU B 85 17.21 24.58 -28.78
C LEU B 85 18.25 23.67 -28.14
N SER B 86 19.39 24.23 -27.75
CA SER B 86 20.42 23.46 -27.05
C SER B 86 20.06 23.35 -25.56
N PRO B 87 20.50 22.28 -24.90
CA PRO B 87 20.22 22.19 -23.46
C PRO B 87 20.84 23.38 -22.71
N GLU B 88 22.02 23.83 -23.13
CA GLU B 88 22.68 24.97 -22.48
C GLU B 88 21.82 26.23 -22.55
N ALA B 89 21.24 26.51 -23.71
CA ALA B 89 20.44 27.72 -23.85
C ALA B 89 19.24 27.65 -22.89
N VAL B 90 18.56 26.52 -22.89
CA VAL B 90 17.40 26.37 -22.03
C VAL B 90 17.80 26.46 -20.55
N PHE B 91 18.87 25.76 -20.18
CA PHE B 91 19.28 25.72 -18.78
C PHE B 91 19.65 27.10 -18.23
N PHE B 92 20.57 27.79 -18.91
CA PHE B 92 21.07 29.07 -18.43
C PHE B 92 20.02 30.18 -18.53
N THR B 93 19.09 30.03 -19.45
CA THR B 93 18.02 31.03 -19.55
C THR B 93 17.07 30.86 -18.36
N TYR B 94 16.77 29.62 -18.00
CA TYR B 94 15.91 29.40 -16.83
C TYR B 94 16.65 29.76 -15.55
N LEU B 95 17.94 29.45 -15.50
CA LEU B 95 18.75 29.78 -14.33
C LEU B 95 18.69 31.29 -14.08
N GLY B 96 18.83 32.06 -15.14
CA GLY B 96 18.78 33.50 -15.03
C GLY B 96 17.44 33.98 -14.52
N LYS B 97 16.36 33.43 -15.09
CA LYS B 97 15.02 33.80 -14.66
C LYS B 97 14.83 33.41 -13.20
N ALA B 98 15.29 32.22 -12.82
CA ALA B 98 15.17 31.76 -11.45
C ALA B 98 15.87 32.72 -10.50
N TRP B 99 17.09 33.12 -10.84
CA TRP B 99 17.83 34.07 -10.02
C TRP B 99 17.07 35.39 -9.88
N GLU B 100 16.52 35.89 -10.98
CA GLU B 100 15.81 37.17 -10.97
C GLU B 100 14.52 37.13 -10.11
N VAL B 101 13.69 36.11 -10.32
CA VAL B 101 12.42 36.04 -9.57
C VAL B 101 12.71 35.72 -8.10
N ASN B 102 13.83 35.07 -7.81
CA ASN B 102 14.19 34.85 -6.42
C ASN B 102 14.33 36.16 -5.61
N LYS B 103 14.76 37.23 -6.27
CA LYS B 103 14.95 38.50 -5.57
C LYS B 103 13.74 38.97 -4.80
N GLY B 104 12.55 38.81 -5.38
CA GLY B 104 11.34 39.28 -4.73
C GLY B 104 10.57 38.20 -3.96
N THR B 105 10.97 36.94 -4.07
CA THR B 105 10.19 35.84 -3.48
C THR B 105 10.95 35.07 -2.41
N ASN B 106 12.29 35.04 -2.49
CA ASN B 106 13.10 34.17 -1.59
C ASN B 106 12.61 32.70 -1.63
N CYS B 107 12.57 32.12 -2.82
CA CYS B 107 12.11 30.74 -2.97
C CYS B 107 13.24 29.74 -3.14
N VAL B 108 14.43 30.20 -3.53
CA VAL B 108 15.55 29.28 -3.82
C VAL B 108 16.46 29.17 -2.59
N THR B 109 16.70 27.96 -2.09
CA THR B 109 17.61 27.81 -0.94
C THR B 109 18.97 27.35 -1.35
N SER B 110 19.07 26.63 -2.45
CA SER B 110 20.36 26.08 -2.84
C SER B 110 20.44 25.83 -4.37
N TYR B 111 21.60 26.13 -4.97
CA TYR B 111 21.87 25.79 -6.37
C TYR B 111 22.55 24.41 -6.40
N LEU B 112 21.93 23.46 -7.07
CA LEU B 112 22.41 22.07 -7.09
C LEU B 112 23.67 22.01 -7.98
N THR B 113 24.81 22.27 -7.39
CA THR B 113 25.96 22.75 -8.18
C THR B 113 26.43 21.87 -9.34
N ASP B 114 26.47 20.56 -9.13
CA ASP B 114 26.96 19.65 -10.17
C ASP B 114 25.98 19.51 -11.34
N CYS B 115 24.95 20.34 -11.38
CA CYS B 115 23.92 20.13 -12.37
C CYS B 115 24.38 20.54 -13.77
N GLU B 116 25.40 21.39 -13.87
CA GLU B 116 25.95 21.76 -15.19
C GLU B 116 26.67 20.58 -15.86
N THR B 117 27.29 19.71 -15.07
CA THR B 117 27.83 18.48 -15.64
C THR B 117 26.72 17.47 -16.02
N GLN B 118 25.68 17.36 -15.19
CA GLN B 118 24.50 16.54 -15.55
C GLN B 118 23.96 17.02 -16.91
N LEU B 119 23.93 18.34 -17.08
CA LEU B 119 23.54 18.97 -18.34
C LEU B 119 24.23 18.35 -19.56
N SER B 120 25.56 18.21 -19.50
CA SER B 120 26.31 17.69 -20.64
C SER B 120 26.25 16.16 -20.78
N GLN B 121 25.68 15.48 -19.79
CA GLN B 121 25.60 14.03 -19.86
C GLN B 121 24.15 13.50 -19.92
N ALA B 122 23.18 14.40 -20.02
CA ALA B 122 21.76 14.01 -19.98
C ALA B 122 21.46 13.02 -21.12
N PRO B 123 20.85 11.86 -20.78
CA PRO B 123 20.56 10.86 -21.83
C PRO B 123 19.67 11.46 -22.90
N ARG B 124 20.11 11.32 -24.15
CA ARG B 124 19.64 12.14 -25.27
C ARG B 124 18.22 11.77 -25.68
N GLN B 125 17.88 10.50 -25.50
CA GLN B 125 16.53 10.03 -25.81
C GLN B 125 15.58 10.13 -24.61
N GLY B 126 16.07 10.62 -23.48
CA GLY B 126 15.20 10.77 -22.33
C GLY B 126 13.99 11.61 -22.64
N LEU B 127 12.83 11.25 -22.08
CA LEU B 127 11.57 11.98 -22.27
C LEU B 127 11.56 13.42 -21.71
N LEU B 128 12.55 13.74 -20.88
CA LEU B 128 12.69 15.08 -20.30
C LEU B 128 14.05 15.67 -20.65
N TYR B 129 14.63 15.22 -21.76
CA TYR B 129 15.97 15.64 -22.15
C TYR B 129 16.10 17.17 -22.12
N GLY B 130 17.02 17.67 -21.29
CA GLY B 130 17.36 19.10 -21.24
C GLY B 130 16.44 20.00 -20.43
N VAL B 131 15.44 19.42 -19.78
CA VAL B 131 14.47 20.19 -19.01
C VAL B 131 15.00 20.47 -17.61
N PRO B 132 15.17 21.75 -17.26
CA PRO B 132 15.51 22.14 -15.89
C PRO B 132 14.31 21.86 -14.98
N VAL B 133 14.57 21.22 -13.84
CA VAL B 133 13.50 20.87 -12.91
C VAL B 133 13.85 21.38 -11.52
N SER B 134 12.89 22.03 -10.87
CA SER B 134 13.13 22.52 -9.51
C SER B 134 12.65 21.50 -8.49
N LEU B 135 13.34 21.44 -7.36
CA LEU B 135 13.02 20.44 -6.36
C LEU B 135 12.71 21.04 -4.98
N LYS B 136 11.57 20.66 -4.42
CA LYS B 136 11.32 20.95 -3.00
C LYS B 136 12.50 20.43 -2.19
N GLU B 137 12.88 21.16 -1.17
CA GLU B 137 14.12 20.87 -0.42
C GLU B 137 14.22 19.44 0.14
N CYS B 138 13.09 18.75 0.33
CA CYS B 138 13.09 17.41 0.92
C CYS B 138 13.49 16.31 -0.08
N PHE B 139 13.58 16.65 -1.37
CA PHE B 139 14.04 15.67 -2.36
C PHE B 139 15.56 15.54 -2.30
N SER B 140 16.04 14.52 -1.58
CA SER B 140 17.45 14.38 -1.29
C SER B 140 18.27 14.43 -2.56
N TYR B 141 19.34 15.21 -2.52
CA TYR B 141 20.24 15.41 -3.64
C TYR B 141 21.66 15.32 -3.11
N LYS B 142 22.46 14.44 -3.68
CA LYS B 142 23.78 14.17 -3.14
C LYS B 142 24.62 15.43 -2.92
N GLY B 143 25.15 15.58 -1.71
CA GLY B 143 26.05 16.69 -1.42
C GLY B 143 25.35 17.88 -0.82
N HIS B 144 24.02 17.85 -0.75
CA HIS B 144 23.26 19.01 -0.29
C HIS B 144 22.45 18.68 0.95
N ASP B 145 22.32 19.64 1.87
CA ASP B 145 21.40 19.42 3.00
C ASP B 145 19.98 19.32 2.49
N SER B 146 19.17 18.57 3.24
CA SER B 146 17.73 18.75 3.19
C SER B 146 17.35 19.18 4.60
N THR B 147 17.41 20.48 4.89
CA THR B 147 17.28 20.93 6.27
C THR B 147 15.83 20.87 6.77
N LEU B 148 14.91 21.05 5.84
CA LEU B 148 13.51 21.29 6.17
C LEU B 148 13.34 22.49 7.07
N GLY B 149 14.30 23.41 7.02
CA GLY B 149 14.25 24.58 7.88
C GLY B 149 14.58 24.26 9.35
N LEU B 150 15.12 23.07 9.61
CA LEU B 150 15.43 22.65 11.00
C LEU B 150 16.92 22.65 11.29
N SER B 151 17.31 23.30 12.39
CA SER B 151 18.71 23.31 12.79
C SER B 151 19.33 21.90 12.85
N LEU B 152 18.57 20.92 13.32
CA LEU B 152 19.17 19.59 13.51
C LEU B 152 19.56 18.93 12.17
N ASN B 153 18.99 19.43 11.08
CA ASN B 153 19.36 18.90 9.77
C ASN B 153 20.39 19.74 9.02
N GLU B 154 20.80 20.86 9.59
CA GLU B 154 21.75 21.74 8.92
C GLU B 154 23.17 21.20 9.00
N GLY B 155 23.93 21.26 7.92
CA GLY B 155 25.28 20.70 7.89
C GLY B 155 25.33 19.18 7.88
N MET B 156 24.27 18.52 7.37
CA MET B 156 24.25 17.05 7.23
C MET B 156 23.82 16.69 5.79
N PRO B 157 24.74 16.80 4.85
CA PRO B 157 24.36 16.67 3.43
C PRO B 157 23.93 15.27 3.08
N SER B 158 22.95 15.13 2.19
CA SER B 158 22.56 13.82 1.69
C SER B 158 23.73 13.15 0.99
N GLU B 159 23.79 11.84 1.08
CA GLU B 159 24.87 11.09 0.49
C GLU B 159 24.42 10.32 -0.76
N SER B 160 23.14 10.45 -1.12
CA SER B 160 22.61 9.88 -2.35
C SER B 160 21.43 10.69 -2.87
N ASP B 161 21.28 10.78 -4.18
CA ASP B 161 20.04 11.26 -4.77
C ASP B 161 18.88 10.33 -4.36
N CYS B 162 17.73 10.91 -4.01
CA CYS B 162 16.55 10.06 -3.79
C CYS B 162 16.14 9.41 -5.11
N VAL B 163 15.28 8.40 -5.04
CA VAL B 163 14.88 7.68 -6.26
C VAL B 163 14.26 8.54 -7.36
N VAL B 164 13.32 9.43 -7.01
CA VAL B 164 12.70 10.22 -8.07
C VAL B 164 13.71 11.13 -8.75
N VAL B 165 14.66 11.63 -7.98
CA VAL B 165 15.77 12.42 -8.58
C VAL B 165 16.62 11.59 -9.55
N GLN B 166 16.93 10.34 -9.18
CA GLN B 166 17.71 9.48 -10.06
C GLN B 166 16.96 9.26 -11.38
N VAL B 167 15.65 9.02 -11.27
CA VAL B 167 14.81 8.82 -12.46
C VAL B 167 14.72 10.08 -13.35
N LEU B 168 14.50 11.25 -12.75
CA LEU B 168 14.55 12.49 -13.55
C LEU B 168 15.84 12.57 -14.35
N LYS B 169 16.96 12.29 -13.71
CA LYS B 169 18.23 12.38 -14.39
C LYS B 169 18.32 11.34 -15.49
N LEU B 170 17.83 10.12 -15.20
CA LEU B 170 17.88 9.07 -16.21
C LEU B 170 16.97 9.45 -17.39
N GLN B 171 15.99 10.32 -17.15
CA GLN B 171 15.12 10.77 -18.25
C GLN B 171 15.66 12.04 -18.94
N GLY B 172 16.88 12.43 -18.57
CA GLY B 172 17.55 13.55 -19.21
C GLY B 172 17.21 14.92 -18.63
N ALA B 173 16.47 14.96 -17.53
CA ALA B 173 16.11 16.25 -16.91
C ALA B 173 17.30 16.77 -16.14
N VAL B 174 17.30 18.06 -15.81
CA VAL B 174 18.42 18.64 -15.08
C VAL B 174 17.89 19.32 -13.81
N PRO B 175 17.88 18.60 -12.70
CA PRO B 175 17.42 19.23 -11.46
C PRO B 175 18.42 20.34 -11.09
N PHE B 176 17.95 21.52 -10.72
CA PHE B 176 18.90 22.64 -10.67
C PHE B 176 18.86 23.46 -9.40
N VAL B 177 17.73 23.43 -8.67
CA VAL B 177 17.67 24.13 -7.39
C VAL B 177 16.84 23.37 -6.39
N HIS B 178 17.16 23.57 -5.11
CA HIS B 178 16.26 23.22 -4.00
C HIS B 178 15.46 24.46 -3.64
N THR B 179 14.15 24.32 -3.42
CA THR B 179 13.28 25.47 -3.09
C THR B 179 12.78 25.38 -1.66
N ASN B 180 12.45 26.54 -1.08
CA ASN B 180 12.18 26.70 0.35
C ASN B 180 10.90 26.01 0.84
N VAL B 181 10.89 25.64 2.11
CA VAL B 181 9.70 25.09 2.77
C VAL B 181 9.45 25.74 4.14
N PRO B 182 8.20 25.68 4.64
CA PRO B 182 8.03 26.10 6.03
C PRO B 182 8.76 25.11 6.93
N GLN B 183 9.18 25.59 8.10
CA GLN B 183 9.97 24.75 9.01
C GLN B 183 9.27 23.43 9.36
N SER B 184 9.92 22.29 9.08
CA SER B 184 9.42 20.91 9.28
C SER B 184 8.50 20.38 8.14
N MET B 185 8.04 21.30 7.30
CA MET B 185 7.04 21.03 6.24
C MET B 185 5.61 20.85 6.74
N PHE B 186 5.41 20.82 8.05
CA PHE B 186 4.05 20.53 8.55
C PHE B 186 3.25 21.84 8.68
N SER B 187 2.96 22.47 7.54
CA SER B 187 2.45 23.85 7.51
C SER B 187 2.04 24.15 6.08
N TYR B 188 1.02 25.00 5.89
CA TYR B 188 0.74 25.47 4.55
C TYR B 188 1.19 26.92 4.31
N ASP B 189 2.10 27.41 5.16
CA ASP B 189 2.77 28.69 4.90
C ASP B 189 4.17 28.34 4.41
N CYS B 190 5.12 29.28 4.45
CA CYS B 190 6.42 28.97 3.90
C CYS B 190 7.58 29.79 4.50
N SER B 191 7.73 29.74 5.82
CA SER B 191 8.88 30.35 6.47
C SER B 191 9.59 29.38 7.41
N ASN B 192 10.92 29.49 7.50
CA ASN B 192 11.69 28.81 8.53
C ASN B 192 12.84 29.71 9.02
N PRO B 193 13.43 29.38 10.17
CA PRO B 193 14.47 30.25 10.73
C PRO B 193 15.81 30.20 9.99
N LEU B 194 16.05 29.18 9.17
CA LEU B 194 17.30 29.11 8.38
C LEU B 194 17.29 30.03 7.16
N PHE B 195 16.31 29.87 6.28
CA PHE B 195 16.32 30.63 5.05
C PHE B 195 15.32 31.75 5.04
N GLY B 196 14.46 31.81 6.06
CA GLY B 196 13.50 32.89 6.15
C GLY B 196 12.21 32.60 5.40
N GLN B 197 11.53 33.67 5.02
CA GLN B 197 10.15 33.61 4.55
C GLN B 197 10.06 33.70 3.03
N THR B 198 9.30 32.80 2.41
CA THR B 198 9.05 32.88 0.98
C THR B 198 7.79 33.67 0.78
N MET B 199 7.76 34.53 -0.25
CA MET B 199 6.61 35.39 -0.53
C MET B 199 5.95 35.02 -1.83
N ASN B 200 4.64 35.26 -1.89
CA ASN B 200 3.86 34.99 -3.08
C ASN B 200 4.32 35.92 -4.24
N PRO B 201 4.58 35.36 -5.42
CA PRO B 201 5.02 36.28 -6.49
C PRO B 201 3.94 37.27 -6.89
N TRP B 202 2.65 37.01 -6.64
CA TRP B 202 1.62 37.96 -7.06
C TRP B 202 1.47 39.13 -6.09
N LYS B 203 1.97 38.96 -4.87
CA LYS B 203 1.73 39.99 -3.87
C LYS B 203 2.53 39.69 -2.62
N SER B 204 3.48 40.56 -2.30
CA SER B 204 4.52 40.21 -1.33
C SER B 204 4.01 40.11 0.11
N SER B 205 2.81 40.63 0.37
CA SER B 205 2.22 40.49 1.69
C SER B 205 1.50 39.14 1.85
N LYS B 206 1.47 38.32 0.79
CA LYS B 206 0.72 37.06 0.80
C LYS B 206 1.64 35.85 0.91
N SER B 207 1.16 34.80 1.54
CA SER B 207 1.82 33.50 1.54
C SER B 207 1.79 32.90 0.14
N PRO B 208 2.88 32.23 -0.28
CA PRO B 208 2.81 31.47 -1.52
C PRO B 208 2.15 30.10 -1.27
N GLY B 209 1.73 29.85 -0.03
CA GLY B 209 1.21 28.55 0.33
C GLY B 209 2.35 27.59 0.67
N GLY B 210 2.02 26.36 0.98
CA GLY B 210 3.03 25.36 1.33
C GLY B 210 2.41 24.03 1.67
N SER B 211 3.24 23.05 2.03
CA SER B 211 4.66 23.32 2.32
C SER B 211 5.59 23.37 1.10
N SER B 212 5.08 23.01 -0.08
CA SER B 212 5.90 23.14 -1.30
C SER B 212 5.88 24.59 -1.82
N GLY B 213 6.08 25.57 -0.92
CA GLY B 213 5.83 26.98 -1.25
C GLY B 213 6.89 27.60 -2.17
N GLY B 214 8.15 27.21 -1.98
CA GLY B 214 9.21 27.66 -2.88
C GLY B 214 8.90 27.24 -4.31
N GLU B 215 8.45 26.00 -4.49
CA GLU B 215 8.09 25.52 -5.83
C GLU B 215 6.99 26.38 -6.42
N GLY B 216 5.94 26.62 -5.62
CA GLY B 216 4.82 27.43 -6.06
C GLY B 216 5.27 28.81 -6.53
N ALA B 217 6.13 29.46 -5.73
CA ALA B 217 6.59 30.81 -6.04
C ALA B 217 7.52 30.84 -7.26
N LEU B 218 8.42 29.86 -7.35
CA LEU B 218 9.38 29.79 -8.47
C LEU B 218 8.70 29.50 -9.80
N ILE B 219 7.89 28.45 -9.82
CA ILE B 219 7.16 28.10 -11.03
C ILE B 219 6.12 29.17 -11.37
N GLY B 220 5.44 29.66 -10.34
CA GLY B 220 4.40 30.65 -10.57
C GLY B 220 4.90 31.99 -11.11
N SER B 221 6.19 32.25 -10.94
CA SER B 221 6.73 33.51 -11.43
C SER B 221 7.57 33.29 -12.69
N GLY B 222 7.60 32.05 -13.17
CA GLY B 222 8.19 31.74 -14.46
C GLY B 222 9.62 31.25 -14.42
N GLY B 223 10.13 30.94 -13.23
CA GLY B 223 11.53 30.59 -13.08
C GLY B 223 11.88 29.10 -13.15
N SER B 224 10.89 28.25 -13.43
CA SER B 224 11.09 26.82 -13.61
C SER B 224 9.88 26.27 -14.36
N PRO B 225 10.10 25.39 -15.37
CA PRO B 225 8.98 24.83 -16.13
C PRO B 225 8.34 23.62 -15.45
N LEU B 226 8.96 23.11 -14.40
CA LEU B 226 8.50 21.88 -13.77
C LEU B 226 9.19 21.65 -12.43
N GLY B 227 8.42 21.26 -11.43
CA GLY B 227 8.97 20.94 -10.14
C GLY B 227 8.27 19.78 -9.46
N LEU B 228 8.87 19.26 -8.37
CA LEU B 228 8.29 18.18 -7.57
C LEU B 228 8.04 18.67 -6.15
N GLY B 229 6.89 18.32 -5.59
CA GLY B 229 6.52 18.70 -4.22
C GLY B 229 6.02 17.47 -3.49
N THR B 230 5.67 17.61 -2.21
CA THR B 230 5.04 16.52 -1.45
C THR B 230 3.81 17.06 -0.79
N ASP B 231 2.95 16.15 -0.31
CA ASP B 231 1.62 16.55 0.13
C ASP B 231 1.08 15.52 1.14
N ILE B 232 0.87 15.95 2.38
CA ILE B 232 0.20 15.10 3.38
C ILE B 232 -1.15 15.68 3.85
N GLY B 233 -1.36 16.98 3.64
CA GLY B 233 -2.59 17.61 4.08
C GLY B 233 -3.02 18.69 3.07
N GLY B 234 -2.33 18.71 1.92
CA GLY B 234 -2.50 19.74 0.89
C GLY B 234 -1.23 20.39 0.31
N SER B 235 -0.06 19.98 0.77
CA SER B 235 1.19 20.72 0.48
C SER B 235 1.66 20.87 -0.97
N ILE B 236 1.05 20.16 -1.90
CA ILE B 236 1.29 20.40 -3.30
C ILE B 236 0.19 21.35 -3.80
N ARG B 237 -1.01 21.17 -3.26
CA ARG B 237 -2.19 21.84 -3.81
C ARG B 237 -2.34 23.28 -3.33
N PHE B 238 -2.08 23.55 -2.04
CA PHE B 238 -2.09 24.96 -1.56
C PHE B 238 -1.14 25.86 -2.38
N PRO B 239 0.16 25.50 -2.46
CA PRO B 239 1.02 26.47 -3.19
C PRO B 239 0.67 26.54 -4.67
N SER B 240 0.17 25.44 -5.25
CA SER B 240 -0.26 25.52 -6.65
C SER B 240 -1.41 26.52 -6.80
N ALA B 241 -2.38 26.42 -5.91
CA ALA B 241 -3.53 27.29 -5.94
C ALA B 241 -3.17 28.73 -5.57
N PHE B 242 -2.37 28.93 -4.52
CA PHE B 242 -2.09 30.30 -4.09
C PHE B 242 -1.26 31.05 -5.14
N CYS B 243 -0.40 30.32 -5.84
CA CYS B 243 0.49 30.94 -6.82
C CYS B 243 0.00 30.83 -8.27
N GLY B 244 -1.16 30.21 -8.49
CA GLY B 244 -1.75 30.19 -9.82
C GLY B 244 -1.10 29.23 -10.81
N ILE B 245 -0.69 28.05 -10.35
CA ILE B 245 -0.13 27.03 -11.24
C ILE B 245 -0.91 25.72 -11.05
N CYS B 246 -0.55 24.69 -11.81
CA CYS B 246 -1.20 23.38 -11.71
C CYS B 246 -0.38 22.45 -10.85
N GLY B 247 -1.05 21.61 -10.04
CA GLY B 247 -0.33 20.61 -9.26
C GLY B 247 -1.17 19.35 -9.13
N LEU B 248 -0.52 18.20 -9.02
CA LEU B 248 -1.22 16.94 -8.82
C LEU B 248 -0.63 16.17 -7.63
N LYS B 249 -1.50 15.74 -6.71
CA LYS B 249 -1.09 14.84 -5.64
C LYS B 249 -1.64 13.46 -5.98
N PRO B 250 -0.79 12.54 -6.46
CA PRO B 250 -1.25 11.20 -6.83
C PRO B 250 -1.63 10.37 -5.59
N THR B 251 -2.20 9.20 -5.84
CA THR B 251 -2.29 8.18 -4.81
C THR B 251 -0.91 8.03 -4.17
N GLY B 252 -0.89 7.81 -2.86
CA GLY B 252 0.35 7.87 -2.11
C GLY B 252 1.46 6.98 -2.64
N ASN B 253 1.11 5.79 -3.09
CA ASN B 253 2.16 4.90 -3.51
C ASN B 253 2.27 4.80 -5.05
N ARG B 254 1.77 5.79 -5.79
CA ARG B 254 1.98 5.78 -7.25
C ARG B 254 3.44 6.08 -7.61
N LEU B 255 4.09 6.92 -6.82
CA LEU B 255 5.48 7.32 -7.06
C LEU B 255 6.36 6.97 -5.85
N SER B 256 7.65 6.75 -6.10
CA SER B 256 8.61 6.36 -5.06
C SER B 256 8.94 7.48 -4.08
N LYS B 257 8.77 7.21 -2.78
CA LYS B 257 9.24 8.11 -1.73
C LYS B 257 10.62 7.69 -1.19
N SER B 258 11.24 6.73 -1.84
CA SER B 258 12.49 6.18 -1.33
C SER B 258 13.58 7.26 -1.36
N GLY B 259 14.17 7.54 -0.19
CA GLY B 259 15.28 8.45 -0.10
C GLY B 259 14.88 9.89 0.20
N LEU B 260 13.58 10.16 0.27
CA LEU B 260 13.13 11.50 0.66
C LEU B 260 13.57 11.80 2.08
N LYS B 261 13.83 13.08 2.36
CA LYS B 261 14.05 13.53 3.74
C LYS B 261 12.71 13.80 4.41
N GLY B 262 12.51 13.23 5.61
CA GLY B 262 11.27 13.48 6.33
C GLY B 262 11.47 13.95 7.76
N CYS B 263 10.37 14.23 8.46
CA CYS B 263 10.48 14.58 9.87
C CYS B 263 9.68 13.65 10.79
N VAL B 264 8.74 12.87 10.24
CA VAL B 264 8.04 11.85 11.03
C VAL B 264 8.15 10.54 10.23
N TYR B 265 8.58 9.46 10.88
CA TYR B 265 8.74 8.20 10.19
C TYR B 265 7.83 7.09 10.73
N GLY B 266 7.33 6.23 9.84
CA GLY B 266 6.51 5.09 10.21
C GLY B 266 5.03 5.39 10.41
N GLN B 267 4.63 6.63 10.16
CA GLN B 267 3.21 7.01 10.22
C GLN B 267 2.57 6.63 8.88
N THR B 268 1.62 5.70 8.89
CA THR B 268 1.09 5.18 7.63
C THR B 268 -0.45 5.31 7.51
N ALA B 269 -1.12 5.78 8.55
CA ALA B 269 -2.56 6.02 8.50
C ALA B 269 -2.92 7.06 7.46
N VAL B 270 -2.17 8.16 7.42
CA VAL B 270 -2.41 9.21 6.43
C VAL B 270 -1.14 9.31 5.63
N GLN B 271 -1.20 8.86 4.39
CA GLN B 271 0.01 8.62 3.61
C GLN B 271 0.49 9.91 3.00
N LEU B 272 1.80 10.10 3.00
CA LEU B 272 2.43 11.16 2.24
C LEU B 272 2.43 10.83 0.75
N SER B 273 2.30 11.84 -0.09
CA SER B 273 2.39 11.60 -1.51
C SER B 273 3.33 12.63 -2.18
N LEU B 274 4.08 12.22 -3.21
CA LEU B 274 4.86 13.19 -3.99
C LEU B 274 4.26 13.37 -5.40
N GLY B 275 4.46 14.53 -6.01
CA GLY B 275 3.87 14.76 -7.32
C GLY B 275 4.38 16.04 -7.96
N PRO B 276 4.00 16.24 -9.22
CA PRO B 276 4.51 17.34 -10.05
C PRO B 276 3.71 18.65 -9.88
N MET B 277 4.41 19.77 -10.09
CA MET B 277 3.82 21.12 -10.13
C MET B 277 4.33 21.77 -11.40
N ALA B 278 3.52 22.59 -12.06
CA ALA B 278 3.94 23.10 -13.37
C ALA B 278 2.94 24.15 -13.85
N ARG B 279 3.22 24.79 -14.99
CA ARG B 279 2.34 25.86 -15.47
C ARG B 279 1.08 25.36 -16.16
N ASP B 280 1.07 24.10 -16.59
CA ASP B 280 -0.12 23.61 -17.28
C ASP B 280 -0.28 22.11 -17.03
N VAL B 281 -1.46 21.59 -17.36
CA VAL B 281 -1.78 20.20 -17.05
C VAL B 281 -0.95 19.22 -17.90
N GLU B 282 -0.73 19.55 -19.15
CA GLU B 282 0.05 18.68 -20.01
C GLU B 282 1.43 18.43 -19.40
N SER B 283 2.02 19.44 -18.77
CA SER B 283 3.31 19.27 -18.09
C SER B 283 3.27 18.22 -16.98
N LEU B 284 2.21 18.24 -16.16
CA LEU B 284 2.01 17.23 -15.11
C LEU B 284 1.93 15.86 -15.73
N ALA B 285 1.19 15.74 -16.82
CA ALA B 285 1.07 14.44 -17.49
C ALA B 285 2.40 13.95 -18.05
N LEU B 286 3.18 14.86 -18.63
CA LEU B 286 4.47 14.49 -19.18
C LEU B 286 5.40 14.06 -18.06
N CYS B 287 5.38 14.79 -16.95
CA CYS B 287 6.24 14.45 -15.81
C CYS B 287 5.87 13.04 -15.31
N LEU B 288 4.58 12.78 -15.13
CA LEU B 288 4.16 11.45 -14.67
C LEU B 288 4.57 10.35 -15.64
N LYS B 289 4.39 10.61 -16.93
CA LYS B 289 4.76 9.62 -17.94
C LYS B 289 6.26 9.27 -17.90
N ALA B 290 7.11 10.29 -17.67
CA ALA B 290 8.55 10.10 -17.59
C ALA B 290 8.98 9.39 -16.30
N LEU B 291 8.30 9.71 -15.19
CA LEU B 291 8.60 9.03 -13.91
C LEU B 291 8.15 7.57 -13.88
N LEU B 292 6.97 7.30 -14.44
CA LEU B 292 6.42 5.96 -14.39
C LEU B 292 7.07 5.06 -15.43
N CYS B 293 8.36 4.81 -15.27
CA CYS B 293 9.10 4.02 -16.24
C CYS B 293 9.84 2.89 -15.53
N GLU B 294 10.45 2.02 -16.30
CA GLU B 294 11.17 0.88 -15.73
C GLU B 294 12.25 1.32 -14.75
N HIS B 295 12.88 2.45 -15.05
CA HIS B 295 13.91 2.97 -14.16
C HIS B 295 13.36 3.10 -12.75
N LEU B 296 12.20 3.71 -12.62
CA LEU B 296 11.64 3.88 -11.30
C LEU B 296 11.22 2.55 -10.69
N PHE B 297 10.57 1.70 -11.49
CA PHE B 297 10.01 0.46 -10.95
C PHE B 297 11.13 -0.52 -10.54
N THR B 298 12.29 -0.42 -11.19
CA THR B 298 13.40 -1.27 -10.78
C THR B 298 14.19 -0.65 -9.63
N LEU B 299 14.26 0.67 -9.59
CA LEU B 299 14.94 1.34 -8.49
C LEU B 299 14.15 1.23 -7.18
N ASP B 300 12.82 1.20 -7.28
CA ASP B 300 12.00 0.98 -6.09
C ASP B 300 10.91 -0.02 -6.39
N PRO B 301 11.20 -1.31 -6.20
CA PRO B 301 10.24 -2.38 -6.48
C PRO B 301 8.97 -2.31 -5.59
N THR B 302 8.99 -1.52 -4.52
CA THR B 302 7.82 -1.43 -3.64
C THR B 302 6.70 -0.61 -4.27
N VAL B 303 7.01 0.13 -5.33
CA VAL B 303 5.99 0.88 -6.09
C VAL B 303 5.36 -0.02 -7.16
N PRO B 304 4.02 -0.11 -7.20
CA PRO B 304 3.40 -0.98 -8.21
C PRO B 304 3.74 -0.48 -9.62
N PRO B 305 4.18 -1.39 -10.50
CA PRO B 305 4.67 -0.92 -11.81
C PRO B 305 3.52 -0.61 -12.80
N LEU B 306 2.79 0.45 -12.50
CA LEU B 306 1.68 0.89 -13.33
C LEU B 306 2.15 1.93 -14.32
N PRO B 307 2.29 1.55 -15.60
CA PRO B 307 2.66 2.53 -16.63
C PRO B 307 1.57 3.61 -16.78
N PHE B 308 1.97 4.81 -17.19
CA PHE B 308 1.01 5.87 -17.43
C PHE B 308 0.12 5.46 -18.61
N ARG B 309 -1.18 5.40 -18.39
CA ARG B 309 -2.10 4.99 -19.47
C ARG B 309 -2.52 6.17 -20.34
N GLU B 310 -1.81 6.31 -21.46
CA GLU B 310 -1.95 7.47 -22.32
C GLU B 310 -3.38 7.61 -22.83
N GLU B 311 -4.03 6.48 -23.14
CA GLU B 311 -5.35 6.53 -23.74
C GLU B 311 -6.41 7.06 -22.79
N VAL B 312 -6.25 6.77 -21.50
CA VAL B 312 -7.15 7.30 -20.49
C VAL B 312 -6.98 8.82 -20.36
N TYR B 313 -5.73 9.27 -20.29
CA TYR B 313 -5.45 10.70 -20.21
C TYR B 313 -6.00 11.47 -21.43
N ARG B 314 -5.96 10.85 -22.60
CA ARG B 314 -6.32 11.52 -23.84
C ARG B 314 -7.79 11.38 -24.22
N SER B 315 -8.55 10.61 -23.44
CA SER B 315 -9.96 10.37 -23.75
C SER B 315 -10.76 11.68 -23.88
N SER B 316 -11.70 11.72 -24.82
CA SER B 316 -12.58 12.88 -24.93
C SER B 316 -14.03 12.51 -24.61
N ARG B 317 -14.26 11.39 -23.94
CA ARG B 317 -15.63 10.98 -23.64
C ARG B 317 -16.24 11.88 -22.56
N PRO B 318 -17.57 12.08 -22.60
CA PRO B 318 -18.22 12.86 -21.54
C PRO B 318 -18.02 12.19 -20.17
N LEU B 319 -17.91 13.00 -19.12
CA LEU B 319 -17.66 12.51 -17.77
C LEU B 319 -18.90 12.69 -16.90
N ARG B 320 -19.09 11.78 -15.94
CA ARG B 320 -20.02 12.02 -14.86
C ARG B 320 -19.19 12.61 -13.72
N VAL B 321 -19.48 13.86 -13.40
CA VAL B 321 -18.67 14.68 -12.51
C VAL B 321 -19.49 14.96 -11.25
N GLY B 322 -19.09 14.39 -10.13
CA GLY B 322 -19.70 14.76 -8.87
C GLY B 322 -19.21 16.16 -8.54
N TYR B 323 -19.96 16.92 -7.75
CA TYR B 323 -19.44 18.23 -7.31
C TYR B 323 -20.05 18.68 -5.99
N TYR B 324 -19.30 19.51 -5.27
CA TYR B 324 -19.84 20.28 -4.15
C TYR B 324 -19.25 21.68 -4.12
N GLU B 325 -20.05 22.63 -3.66
CA GLU B 325 -19.64 24.03 -3.66
C GLU B 325 -19.13 24.43 -2.29
N THR B 326 -19.40 23.58 -1.30
CA THR B 326 -18.91 23.79 0.05
C THR B 326 -18.81 22.43 0.75
N ASP B 327 -17.79 22.24 1.61
CA ASP B 327 -17.71 21.02 2.41
C ASP B 327 -18.44 21.18 3.75
N ASN B 328 -19.16 22.29 3.90
CA ASN B 328 -19.82 22.65 5.18
C ASN B 328 -18.88 22.65 6.40
N TYR B 329 -17.58 22.76 6.14
CA TYR B 329 -16.62 22.75 7.22
C TYR B 329 -15.82 24.06 7.20
N THR B 330 -15.21 24.34 6.07
CA THR B 330 -14.62 25.66 5.83
C THR B 330 -15.51 26.42 4.87
N MET B 331 -16.11 27.52 5.32
CA MET B 331 -16.93 28.31 4.42
C MET B 331 -16.04 28.80 3.26
N PRO B 332 -16.44 28.55 2.01
CA PRO B 332 -15.60 29.03 0.90
C PRO B 332 -15.63 30.55 0.81
N SER B 333 -14.50 31.13 0.37
CA SER B 333 -14.48 32.56 0.09
C SER B 333 -15.41 32.80 -1.10
N PRO B 334 -15.94 34.04 -1.24
CA PRO B 334 -16.75 34.31 -2.42
C PRO B 334 -16.02 33.97 -3.75
N ALA B 335 -14.72 34.19 -3.86
CA ALA B 335 -14.02 33.82 -5.10
C ALA B 335 -13.97 32.29 -5.34
N MET B 336 -13.72 31.51 -4.28
CA MET B 336 -13.72 30.04 -4.36
C MET B 336 -15.05 29.55 -4.90
N ARG B 337 -16.13 30.08 -4.33
CA ARG B 337 -17.47 29.66 -4.68
C ARG B 337 -17.76 29.96 -6.15
N ARG B 338 -17.48 31.19 -6.54
CA ARG B 338 -17.66 31.60 -7.93
C ARG B 338 -16.82 30.74 -8.90
N ALA B 339 -15.55 30.50 -8.57
CA ALA B 339 -14.69 29.60 -9.33
C ALA B 339 -15.37 28.23 -9.57
N LEU B 340 -15.86 27.65 -8.48
CA LEU B 340 -16.49 26.33 -8.52
C LEU B 340 -17.75 26.35 -9.41
N ILE B 341 -18.65 27.30 -9.15
CA ILE B 341 -19.91 27.38 -9.89
C ILE B 341 -19.68 27.67 -11.39
N GLU B 342 -18.75 28.56 -11.70
CA GLU B 342 -18.44 28.84 -13.11
C GLU B 342 -17.86 27.63 -13.82
N THR B 343 -16.96 26.91 -13.14
CA THR B 343 -16.38 25.71 -13.73
C THR B 343 -17.48 24.66 -13.96
N LYS B 344 -18.31 24.45 -12.95
CA LYS B 344 -19.48 23.56 -13.07
C LYS B 344 -20.31 23.92 -14.31
N GLN B 345 -20.65 25.19 -14.48
CA GLN B 345 -21.49 25.57 -15.62
C GLN B 345 -20.82 25.37 -16.98
N ARG B 346 -19.51 25.63 -17.09
CA ARG B 346 -18.79 25.40 -18.35
C ARG B 346 -18.72 23.89 -18.68
N LEU B 347 -18.51 23.07 -17.65
CA LEU B 347 -18.55 21.62 -17.83
C LEU B 347 -19.91 21.15 -18.30
N GLU B 348 -20.99 21.69 -17.72
CA GLU B 348 -22.34 21.35 -18.15
C GLU B 348 -22.54 21.74 -19.61
N ALA B 349 -22.07 22.93 -19.97
CA ALA B 349 -22.23 23.42 -21.34
C ALA B 349 -21.44 22.56 -22.33
N ALA B 350 -20.38 21.93 -21.85
CA ALA B 350 -19.55 21.07 -22.71
C ALA B 350 -20.09 19.62 -22.76
N GLY B 351 -21.22 19.39 -22.12
CA GLY B 351 -21.88 18.10 -22.26
C GLY B 351 -21.56 17.08 -21.19
N HIS B 352 -20.86 17.49 -20.15
CA HIS B 352 -20.58 16.58 -19.03
C HIS B 352 -21.78 16.55 -18.10
N THR B 353 -21.92 15.47 -17.33
CA THR B 353 -23.04 15.35 -16.39
C THR B 353 -22.62 15.74 -14.98
N LEU B 354 -23.21 16.81 -14.46
CA LEU B 354 -22.81 17.32 -13.13
C LEU B 354 -23.77 16.83 -12.05
N ILE B 355 -23.25 16.13 -11.05
CA ILE B 355 -24.07 15.44 -10.06
C ILE B 355 -23.61 15.85 -8.66
N PRO B 356 -24.54 16.38 -7.84
CA PRO B 356 -24.16 16.80 -6.48
C PRO B 356 -23.68 15.62 -5.67
N PHE B 357 -22.55 15.74 -4.99
CA PHE B 357 -21.94 14.64 -4.25
C PHE B 357 -21.14 15.20 -3.08
N LEU B 358 -21.29 14.61 -1.90
CA LEU B 358 -20.46 15.03 -0.78
C LEU B 358 -20.02 13.79 -0.04
N PRO B 359 -18.70 13.55 0.08
CA PRO B 359 -18.26 12.44 0.94
C PRO B 359 -18.91 12.51 2.32
N ASN B 360 -19.38 11.37 2.80
CA ASN B 360 -20.07 11.30 4.09
C ASN B 360 -19.14 11.67 5.27
N ASN B 361 -19.74 12.08 6.38
CA ASN B 361 -18.99 12.28 7.63
C ASN B 361 -17.67 13.03 7.52
N ILE B 362 -17.66 14.16 6.82
CA ILE B 362 -16.45 14.96 6.74
C ILE B 362 -15.87 15.37 8.12
N PRO B 363 -16.70 15.91 9.02
CA PRO B 363 -16.14 16.32 10.31
C PRO B 363 -15.41 15.17 11.01
N TYR B 364 -16.00 13.98 10.97
CA TYR B 364 -15.36 12.78 11.53
C TYR B 364 -14.05 12.46 10.80
N ALA B 365 -14.07 12.51 9.47
CA ALA B 365 -12.83 12.23 8.71
C ALA B 365 -11.69 13.20 9.04
N LEU B 366 -12.01 14.47 9.30
CA LEU B 366 -10.94 15.45 9.58
C LEU B 366 -10.49 15.43 11.02
N GLU B 367 -11.46 15.41 11.93
CA GLU B 367 -11.20 15.55 13.35
C GLU B 367 -10.71 14.26 14.03
N VAL B 368 -11.26 13.11 13.63
CA VAL B 368 -10.90 11.84 14.26
C VAL B 368 -9.84 11.11 13.43
N LEU B 369 -10.16 10.82 12.18
CA LEU B 369 -9.28 10.03 11.33
C LEU B 369 -8.00 10.76 10.93
N SER B 370 -8.13 11.95 10.34
CA SER B 370 -6.94 12.61 9.79
C SER B 370 -6.06 13.13 10.91
N THR B 371 -6.66 13.90 11.81
CA THR B 371 -5.93 14.44 12.94
C THR B 371 -5.33 13.32 13.81
N GLY B 372 -6.14 12.32 14.16
CA GLY B 372 -5.68 11.21 14.98
C GLY B 372 -4.58 10.44 14.26
N GLY B 373 -4.72 10.27 12.95
CA GLY B 373 -3.72 9.60 12.16
C GLY B 373 -2.38 10.34 12.11
N LEU B 374 -2.43 11.66 11.97
CA LEU B 374 -1.22 12.48 11.88
C LEU B 374 -0.53 12.62 13.22
N PHE B 375 -1.33 12.57 14.29
CA PHE B 375 -0.83 12.80 15.65
C PHE B 375 -1.12 11.67 16.63
N SER B 376 -1.01 10.43 16.17
CA SER B 376 -1.37 9.28 16.99
C SER B 376 -0.55 9.20 18.27
N ASP B 377 0.69 9.69 18.20
CA ASP B 377 1.61 9.65 19.34
C ASP B 377 1.63 10.95 20.12
N GLY B 378 0.59 11.75 19.99
CA GLY B 378 0.56 13.03 20.68
C GLY B 378 1.50 14.10 20.13
N GLY B 379 2.20 13.81 19.03
CA GLY B 379 3.14 14.77 18.47
C GLY B 379 4.57 14.57 18.94
N ARG B 380 4.81 13.55 19.75
CA ARG B 380 6.13 13.34 20.36
C ARG B 380 7.26 13.17 19.33
N SER B 381 7.04 12.30 18.35
CA SER B 381 8.02 12.09 17.27
C SER B 381 8.27 13.38 16.47
N PHE B 382 7.19 14.07 16.09
CA PHE B 382 7.31 15.36 15.41
C PHE B 382 8.13 16.35 16.25
N LEU B 383 7.81 16.44 17.54
CA LEU B 383 8.42 17.43 18.42
C LEU B 383 9.92 17.23 18.62
N GLN B 384 10.40 16.02 18.44
CA GLN B 384 11.83 15.77 18.58
C GLN B 384 12.62 16.66 17.61
N ASN B 385 12.04 16.95 16.44
CA ASN B 385 12.69 17.80 15.46
C ASN B 385 13.00 19.22 15.96
N PHE B 386 12.27 19.68 16.97
CA PHE B 386 12.37 21.07 17.40
C PHE B 386 13.23 21.27 18.64
N LYS B 387 13.76 20.18 19.18
CA LYS B 387 14.57 20.24 20.38
C LYS B 387 15.75 21.21 20.18
N GLY B 388 15.76 22.30 20.95
CA GLY B 388 16.81 23.31 20.87
C GLY B 388 16.73 24.25 19.68
N ASP B 389 15.62 24.23 18.94
CA ASP B 389 15.49 25.09 17.75
C ASP B 389 14.56 26.28 18.03
N PHE B 390 14.67 27.33 17.22
CA PHE B 390 13.67 28.38 17.21
C PHE B 390 12.43 27.76 16.61
N VAL B 391 11.26 28.27 16.97
CA VAL B 391 10.01 27.85 16.32
C VAL B 391 9.55 29.00 15.45
N ASP B 392 9.51 28.78 14.14
CA ASP B 392 9.19 29.87 13.21
C ASP B 392 7.80 30.41 13.54
N PRO B 393 7.64 31.74 13.50
CA PRO B 393 6.30 32.25 13.80
C PRO B 393 5.21 31.70 12.87
N CYS B 394 5.56 31.22 11.68
CA CYS B 394 4.50 30.80 10.76
C CYS B 394 3.81 29.51 11.23
N LEU B 395 4.43 28.82 12.19
CA LEU B 395 3.85 27.61 12.77
C LEU B 395 2.79 27.92 13.82
N GLY B 396 2.63 29.19 14.13
CA GLY B 396 1.64 29.61 15.12
C GLY B 396 1.90 28.96 16.47
N ASP B 397 0.84 28.48 17.10
CA ASP B 397 0.94 27.85 18.40
C ASP B 397 1.02 26.33 18.35
N LEU B 398 1.15 25.75 17.15
CA LEU B 398 1.21 24.28 17.02
C LEU B 398 2.19 23.57 17.97
N ILE B 399 3.44 24.02 18.00
CA ILE B 399 4.45 23.39 18.84
C ILE B 399 4.12 23.55 20.32
N LEU B 400 3.69 24.75 20.71
CA LEU B 400 3.28 25.00 22.09
C LEU B 400 2.17 24.01 22.50
N ILE B 401 1.15 23.91 21.65
CA ILE B 401 -0.02 23.07 21.94
C ILE B 401 0.33 21.59 22.01
N LEU B 402 1.18 21.13 21.10
CA LEU B 402 1.56 19.71 21.06
C LEU B 402 2.36 19.30 22.29
N ARG B 403 3.13 20.25 22.83
CA ARG B 403 3.98 20.00 23.98
C ARG B 403 3.18 19.79 25.27
N LEU B 404 1.92 20.27 25.29
CA LEU B 404 1.08 20.15 26.49
C LEU B 404 0.86 18.68 26.85
N PRO B 405 0.86 18.38 28.17
CA PRO B 405 0.56 17.06 28.74
C PRO B 405 -0.76 16.48 28.23
N SER B 406 -0.81 15.20 27.90
CA SER B 406 -2.04 14.60 27.39
C SER B 406 -3.24 14.88 28.28
N TRP B 407 -3.05 14.83 29.60
CA TRP B 407 -4.14 15.09 30.52
C TRP B 407 -4.62 16.54 30.40
N PHE B 408 -3.72 17.44 30.02
CA PHE B 408 -4.11 18.85 29.91
C PHE B 408 -4.80 19.15 28.56
N LYS B 409 -4.31 18.53 27.49
CA LYS B 409 -5.04 18.56 26.24
C LYS B 409 -6.49 18.13 26.50
N ARG B 410 -6.64 17.06 27.29
CA ARG B 410 -7.97 16.52 27.57
C ARG B 410 -8.83 17.50 28.38
N LEU B 411 -8.25 18.10 29.41
CA LEU B 411 -8.94 19.11 30.20
C LEU B 411 -9.40 20.30 29.37
N LEU B 412 -8.47 20.85 28.60
CA LEU B 412 -8.75 21.99 27.76
C LEU B 412 -9.81 21.66 26.71
N SER B 413 -9.78 20.44 26.19
CA SER B 413 -10.78 20.00 25.22
C SER B 413 -12.17 20.11 25.83
N LEU B 414 -12.31 19.55 27.04
CA LEU B 414 -13.58 19.57 27.75
C LEU B 414 -14.13 20.97 28.00
N LEU B 415 -13.25 21.89 28.37
CA LEU B 415 -13.64 23.28 28.58
C LEU B 415 -14.12 23.91 27.28
N LEU B 416 -13.37 23.69 26.21
CA LEU B 416 -13.68 24.31 24.92
C LEU B 416 -14.93 23.75 24.23
N LYS B 417 -15.28 22.48 24.51
CA LYS B 417 -16.33 21.81 23.73
C LYS B 417 -17.65 22.61 23.54
N PRO B 418 -18.24 23.12 24.63
CA PRO B 418 -19.54 23.81 24.52
C PRO B 418 -19.55 25.02 23.57
N LEU B 419 -18.51 25.84 23.58
CA LEU B 419 -18.47 27.04 22.74
C LEU B 419 -17.75 26.84 21.40
N PHE B 420 -16.74 25.98 21.39
CA PHE B 420 -15.86 25.86 20.23
C PHE B 420 -15.55 24.42 19.96
N PRO B 421 -16.58 23.64 19.60
CA PRO B 421 -16.53 22.20 19.36
C PRO B 421 -15.36 21.79 18.47
N ARG B 422 -15.13 22.56 17.41
CA ARG B 422 -14.10 22.21 16.43
C ARG B 422 -12.68 22.21 17.05
N LEU B 423 -12.36 23.28 17.77
CA LEU B 423 -11.05 23.36 18.46
C LEU B 423 -10.93 22.23 19.48
N ALA B 424 -12.00 22.05 20.25
CA ALA B 424 -12.03 21.01 21.27
C ALA B 424 -11.75 19.64 20.64
N ALA B 425 -12.36 19.38 19.48
CA ALA B 425 -12.17 18.10 18.81
C ALA B 425 -10.74 17.92 18.32
N PHE B 426 -10.15 18.97 17.74
CA PHE B 426 -8.80 18.76 17.22
C PHE B 426 -7.89 18.39 18.38
N LEU B 427 -8.04 19.13 19.47
CA LEU B 427 -7.22 18.99 20.67
C LEU B 427 -7.36 17.61 21.28
N ASN B 428 -8.60 17.13 21.34
CA ASN B 428 -8.81 15.80 21.88
C ASN B 428 -8.16 14.71 21.03
N ASN B 429 -8.11 14.92 19.72
CA ASN B 429 -7.65 13.86 18.83
C ASN B 429 -6.15 13.94 18.53
N MET B 430 -5.47 14.87 19.20
CA MET B 430 -4.02 15.02 19.06
C MET B 430 -3.31 14.43 20.27
N ARG B 431 -4.02 13.61 21.04
CA ARG B 431 -3.45 12.94 22.20
C ARG B 431 -2.74 11.63 21.83
N PRO B 432 -1.77 11.24 22.65
CA PRO B 432 -1.05 9.98 22.37
C PRO B 432 -1.93 8.79 22.72
N ARG B 433 -1.68 7.63 22.12
CA ARG B 433 -2.52 6.45 22.37
C ARG B 433 -1.73 5.17 22.19
N SER B 434 -2.34 4.05 22.57
CA SER B 434 -1.72 2.73 22.41
C SER B 434 -1.68 2.24 20.96
N ALA B 435 -0.86 1.23 20.69
CA ALA B 435 -0.86 0.53 19.41
C ALA B 435 -2.26 -0.04 19.17
N GLU B 436 -2.90 -0.50 20.24
CA GLU B 436 -4.25 -1.07 20.13
C GLU B 436 -5.24 -0.05 19.54
N LYS B 437 -5.20 1.19 20.05
CA LYS B 437 -6.06 2.26 19.54
C LYS B 437 -5.68 2.70 18.13
N LEU B 438 -4.39 2.64 17.81
CA LEU B 438 -3.94 2.97 16.46
C LEU B 438 -4.47 1.95 15.44
N TRP B 439 -4.38 0.65 15.75
CA TRP B 439 -5.03 -0.37 14.91
C TRP B 439 -6.51 -0.04 14.67
N LYS B 440 -7.22 0.27 15.75
CA LYS B 440 -8.63 0.61 15.60
C LYS B 440 -8.85 1.80 14.66
N LEU B 441 -8.02 2.82 14.84
CA LEU B 441 -8.06 3.99 13.97
C LEU B 441 -7.74 3.63 12.53
N GLN B 442 -6.73 2.79 12.32
CA GLN B 442 -6.32 2.39 10.98
CA GLN B 442 -6.34 2.42 10.97
C GLN B 442 -7.47 1.65 10.29
N HIS B 443 -8.22 0.87 11.06
CA HIS B 443 -9.32 0.13 10.48
C HIS B 443 -10.46 1.08 10.12
N GLU B 444 -10.67 2.08 10.97
CA GLU B 444 -11.70 3.07 10.70
C GLU B 444 -11.35 3.85 9.44
N ILE B 445 -10.07 4.15 9.26
CA ILE B 445 -9.62 4.78 8.01
C ILE B 445 -9.92 3.91 6.78
N GLU B 446 -9.63 2.60 6.88
CA GLU B 446 -9.86 1.66 5.81
C GLU B 446 -11.36 1.56 5.48
N MET B 447 -12.20 1.46 6.51
CA MET B 447 -13.63 1.42 6.30
CA MET B 447 -13.63 1.42 6.30
C MET B 447 -14.18 2.72 5.72
N TYR B 448 -13.60 3.85 6.13
CA TYR B 448 -14.10 5.14 5.66
C TYR B 448 -13.81 5.28 4.17
N ARG B 449 -12.61 4.90 3.77
CA ARG B 449 -12.24 4.89 2.36
C ARG B 449 -13.26 4.08 1.54
N GLN B 450 -13.59 2.88 2.01
CA GLN B 450 -14.52 2.02 1.28
C GLN B 450 -15.91 2.62 1.26
N SER B 451 -16.29 3.32 2.35
CA SER B 451 -17.60 3.97 2.41
C SER B 451 -17.73 5.09 1.38
N VAL B 452 -16.68 5.86 1.17
CA VAL B 452 -16.75 6.94 0.18
C VAL B 452 -16.71 6.35 -1.23
N ILE B 453 -15.91 5.31 -1.40
CA ILE B 453 -15.90 4.57 -2.64
C ILE B 453 -17.29 4.01 -2.97
N ALA B 454 -17.96 3.45 -1.97
CA ALA B 454 -19.32 2.95 -2.20
C ALA B 454 -20.28 4.08 -2.61
N GLN B 455 -20.16 5.27 -2.02
CA GLN B 455 -21.03 6.36 -2.43
C GLN B 455 -20.77 6.72 -3.87
N TRP B 456 -19.48 6.78 -4.21
CA TRP B 456 -19.04 7.21 -5.55
C TRP B 456 -19.64 6.23 -6.58
N LYS B 457 -19.52 4.95 -6.30
CA LYS B 457 -20.02 3.89 -7.19
C LYS B 457 -21.54 3.92 -7.33
N ALA B 458 -22.21 4.21 -6.23
CA ALA B 458 -23.67 4.27 -6.24
C ALA B 458 -24.15 5.38 -7.17
N MET B 459 -23.37 6.44 -7.35
CA MET B 459 -23.76 7.49 -8.29
C MET B 459 -23.05 7.35 -9.63
N ASN B 460 -22.23 6.31 -9.75
CA ASN B 460 -21.55 6.04 -11.00
C ASN B 460 -20.67 7.22 -11.44
N LEU B 461 -19.97 7.86 -10.50
CA LEU B 461 -19.10 9.00 -10.84
C LEU B 461 -17.86 8.56 -11.61
N ASP B 462 -17.36 9.41 -12.50
CA ASP B 462 -16.00 9.24 -13.04
C ASP B 462 -15.00 10.04 -12.21
N VAL B 463 -15.36 11.28 -11.87
CA VAL B 463 -14.47 12.23 -11.21
C VAL B 463 -15.27 13.12 -10.27
N LEU B 464 -14.58 13.93 -9.49
CA LEU B 464 -15.20 14.78 -8.47
C LEU B 464 -14.57 16.17 -8.52
N LEU B 465 -15.42 17.19 -8.61
CA LEU B 465 -15.01 18.60 -8.64
C LEU B 465 -15.31 19.24 -7.29
N THR B 466 -14.32 19.90 -6.68
CA THR B 466 -14.52 20.53 -5.36
C THR B 466 -13.88 21.91 -5.29
N PRO B 467 -14.26 22.69 -4.26
CA PRO B 467 -13.58 23.98 -4.13
C PRO B 467 -12.13 23.71 -3.75
N MET B 468 -11.25 24.68 -4.00
CA MET B 468 -9.88 24.60 -3.49
C MET B 468 -9.65 25.87 -2.69
N LEU B 469 -9.02 25.75 -1.52
CA LEU B 469 -8.74 26.93 -0.70
C LEU B 469 -8.04 28.04 -1.48
N GLY B 470 -8.61 29.23 -1.43
CA GLY B 470 -8.02 30.41 -2.04
C GLY B 470 -8.97 31.60 -1.82
N PRO B 471 -8.52 32.83 -2.09
CA PRO B 471 -7.18 33.16 -2.59
C PRO B 471 -6.12 33.06 -1.49
N ALA B 472 -4.87 33.31 -1.86
CA ALA B 472 -3.77 33.17 -0.90
C ALA B 472 -4.02 33.92 0.41
N LEU B 473 -3.67 33.29 1.53
CA LEU B 473 -3.75 33.92 2.84
C LEU B 473 -2.59 34.86 3.11
N ASP B 474 -2.82 35.91 3.89
CA ASP B 474 -1.73 36.78 4.34
C ASP B 474 -0.62 35.96 4.97
N LEU B 475 0.60 36.45 4.84
CA LEU B 475 1.73 35.83 5.52
C LEU B 475 1.45 35.63 7.01
N ASN B 476 1.91 34.50 7.53
CA ASN B 476 1.79 34.12 8.93
C ASN B 476 0.39 33.81 9.43
N THR B 477 -0.55 33.61 8.53
CA THR B 477 -1.90 33.25 8.95
C THR B 477 -2.33 31.78 8.74
N PRO B 478 -1.74 31.08 7.75
CA PRO B 478 -2.15 29.67 7.62
C PRO B 478 -1.96 28.90 8.94
N GLY B 479 -0.87 29.18 9.67
CA GLY B 479 -0.59 28.49 10.92
C GLY B 479 -1.63 28.74 11.99
N ARG B 480 -2.45 29.77 11.78
CA ARG B 480 -3.54 30.09 12.72
C ARG B 480 -4.91 29.81 12.13
N ALA B 481 -4.97 29.17 10.96
CA ALA B 481 -6.27 28.83 10.39
C ALA B 481 -6.27 27.35 10.01
N THR B 482 -6.08 26.48 10.99
CA THR B 482 -5.86 25.07 10.68
C THR B 482 -7.09 24.45 10.02
N GLY B 483 -8.27 24.97 10.36
CA GLY B 483 -9.52 24.40 9.87
C GLY B 483 -9.59 24.39 8.36
N ALA B 484 -8.92 25.35 7.72
CA ALA B 484 -9.04 25.53 6.27
C ALA B 484 -8.32 24.46 5.45
N VAL B 485 -7.63 23.51 6.11
CA VAL B 485 -7.10 22.37 5.39
C VAL B 485 -8.19 21.36 4.99
N SER B 486 -9.45 21.67 5.33
CA SER B 486 -10.52 20.67 5.14
C SER B 486 -10.65 20.22 3.68
N TYR B 487 -10.49 21.15 2.74
CA TYR B 487 -10.74 20.85 1.32
C TYR B 487 -9.75 19.85 0.77
N THR B 488 -8.49 19.98 1.20
CA THR B 488 -7.41 19.15 0.72
C THR B 488 -7.14 17.89 1.56
N MET B 489 -7.15 18.02 2.89
CA MET B 489 -6.71 16.90 3.73
C MET B 489 -7.67 15.72 3.62
N LEU B 490 -8.92 16.01 3.29
CA LEU B 490 -9.88 14.93 3.14
C LEU B 490 -9.36 13.87 2.17
N TYR B 491 -8.64 14.31 1.13
CA TYR B 491 -8.15 13.40 0.12
C TYR B 491 -6.81 12.74 0.44
N ASN B 492 -6.08 13.26 1.43
CA ASN B 492 -4.98 12.48 1.98
C ASN B 492 -5.55 11.37 2.86
N CYS B 493 -6.61 11.70 3.61
CA CYS B 493 -7.25 10.72 4.45
C CYS B 493 -7.75 9.54 3.58
N LEU B 494 -8.47 9.89 2.52
CA LEU B 494 -9.01 8.90 1.57
C LEU B 494 -7.95 8.30 0.65
N ASP B 495 -6.79 8.96 0.56
CA ASP B 495 -5.74 8.58 -0.39
C ASP B 495 -6.31 8.44 -1.82
N PHE B 496 -6.94 9.49 -2.33
CA PHE B 496 -7.40 9.55 -3.73
C PHE B 496 -6.50 10.55 -4.45
N PRO B 497 -6.23 10.34 -5.75
CA PRO B 497 -5.45 11.40 -6.43
C PRO B 497 -6.29 12.65 -6.50
N ALA B 498 -5.64 13.81 -6.36
CA ALA B 498 -6.33 15.10 -6.35
C ALA B 498 -5.38 16.16 -6.91
N GLY B 499 -5.85 16.94 -7.88
CA GLY B 499 -5.02 17.99 -8.45
C GLY B 499 -5.78 19.30 -8.44
N VAL B 500 -5.07 20.41 -8.66
CA VAL B 500 -5.72 21.73 -8.73
C VAL B 500 -5.35 22.42 -10.03
N VAL B 501 -6.29 23.21 -10.53
CA VAL B 501 -6.15 23.97 -11.78
C VAL B 501 -6.61 25.42 -11.53
N PRO B 502 -5.79 26.42 -11.86
CA PRO B 502 -6.24 27.82 -11.76
C PRO B 502 -7.39 28.08 -12.75
N VAL B 503 -8.46 28.72 -12.32
CA VAL B 503 -9.57 28.96 -13.24
C VAL B 503 -10.02 30.40 -13.29
N THR B 504 -9.64 31.23 -12.31
CA THR B 504 -10.07 32.63 -12.37
C THR B 504 -9.17 33.46 -11.44
N THR B 505 -9.49 34.74 -11.28
CA THR B 505 -8.79 35.61 -10.34
C THR B 505 -9.81 36.38 -9.51
N VAL B 506 -9.41 36.75 -8.30
CA VAL B 506 -10.27 37.49 -7.38
C VAL B 506 -10.62 38.86 -7.98
N THR B 507 -11.91 39.16 -8.09
CA THR B 507 -12.37 40.48 -8.53
C THR B 507 -12.56 41.35 -7.28
N ALA B 508 -12.62 42.66 -7.49
CA ALA B 508 -12.96 43.58 -6.41
C ALA B 508 -14.32 43.21 -5.82
N GLU B 509 -15.27 42.83 -6.68
CA GLU B 509 -16.56 42.34 -6.18
C GLU B 509 -16.43 41.15 -5.21
N ASP B 510 -15.69 40.11 -5.60
CA ASP B 510 -15.44 38.96 -4.73
C ASP B 510 -14.82 39.40 -3.42
N ASP B 511 -13.92 40.38 -3.51
CA ASP B 511 -13.10 40.77 -2.37
C ASP B 511 -13.93 41.58 -1.36
N ALA B 512 -14.73 42.53 -1.86
CA ALA B 512 -15.64 43.28 -0.99
C ALA B 512 -16.58 42.33 -0.24
N GLN B 513 -16.98 41.24 -0.89
CA GLN B 513 -17.88 40.27 -0.27
C GLN B 513 -17.27 39.53 0.94
N MET B 514 -15.95 39.57 1.09
CA MET B 514 -15.34 38.96 2.28
C MET B 514 -15.84 39.63 3.57
N GLU B 515 -16.34 40.86 3.44
CA GLU B 515 -16.86 41.56 4.63
C GLU B 515 -18.11 40.87 5.18
N LEU B 516 -18.79 40.09 4.35
CA LEU B 516 -20.00 39.37 4.75
C LEU B 516 -19.70 37.91 5.18
N TYR B 517 -18.43 37.52 5.14
CA TYR B 517 -18.03 36.14 5.43
C TYR B 517 -18.02 35.92 6.94
N LYS B 518 -18.68 34.85 7.39
CA LYS B 518 -18.73 34.54 8.83
C LYS B 518 -18.05 33.22 9.23
N GLY B 519 -17.94 32.28 8.29
CA GLY B 519 -17.49 30.93 8.64
C GLY B 519 -18.68 30.19 9.23
N TYR B 520 -18.62 28.85 9.27
CA TYR B 520 -19.72 28.08 9.83
C TYR B 520 -19.64 27.95 11.34
N PHE B 521 -18.49 28.24 11.93
CA PHE B 521 -18.30 27.98 13.35
C PHE B 521 -18.13 29.25 14.15
N GLY B 522 -17.50 30.25 13.55
CA GLY B 522 -17.26 31.50 14.23
C GLY B 522 -16.14 31.39 15.26
N ASP B 523 -15.36 30.31 15.20
CA ASP B 523 -14.25 30.18 16.13
C ASP B 523 -13.01 30.94 15.64
N ILE B 524 -11.91 30.87 16.37
CA ILE B 524 -10.72 31.66 15.97
C ILE B 524 -10.25 31.37 14.52
N TRP B 525 -10.36 30.12 14.10
CA TRP B 525 -9.94 29.72 12.75
C TRP B 525 -10.76 30.41 11.68
N ASP B 526 -12.05 30.58 11.93
CA ASP B 526 -12.90 31.30 10.97
C ASP B 526 -12.54 32.79 10.96
N ILE B 527 -12.25 33.32 12.15
CA ILE B 527 -11.95 34.75 12.29
C ILE B 527 -10.66 35.10 11.57
N ILE B 528 -9.64 34.25 11.77
CA ILE B 528 -8.36 34.44 11.13
C ILE B 528 -8.50 34.32 9.60
N LEU B 529 -9.23 33.29 9.17
CA LEU B 529 -9.41 33.04 7.74
C LEU B 529 -10.07 34.22 7.05
N LYS B 530 -11.13 34.76 7.65
CA LYS B 530 -11.83 35.91 7.09
C LYS B 530 -10.86 37.05 6.78
N LYS B 531 -10.11 37.44 7.78
CA LYS B 531 -9.13 38.52 7.61
C LYS B 531 -8.01 38.16 6.62
N ALA B 532 -7.51 36.94 6.71
CA ALA B 532 -6.40 36.48 5.89
C ALA B 532 -6.73 36.47 4.41
N MET B 533 -7.98 36.23 4.05
CA MET B 533 -8.34 36.18 2.63
C MET B 533 -8.68 37.54 1.99
N LYS B 534 -8.83 38.58 2.80
CA LYS B 534 -9.09 39.94 2.29
C LYS B 534 -7.87 40.51 1.58
N ASN B 535 -8.07 41.61 0.86
CA ASN B 535 -6.99 42.28 0.12
C ASN B 535 -6.33 41.33 -0.89
N SER B 536 -7.16 40.63 -1.66
CA SER B 536 -6.65 39.62 -2.58
C SER B 536 -7.03 39.90 -4.04
N VAL B 537 -7.42 41.12 -4.36
CA VAL B 537 -7.85 41.41 -5.73
C VAL B 537 -6.73 41.05 -6.72
N GLY B 538 -7.09 40.35 -7.80
CA GLY B 538 -6.11 39.95 -8.80
C GLY B 538 -5.39 38.64 -8.53
N LEU B 539 -5.57 38.05 -7.35
CA LEU B 539 -4.87 36.79 -7.06
C LEU B 539 -5.58 35.59 -7.68
N PRO B 540 -4.83 34.51 -7.96
CA PRO B 540 -5.43 33.34 -8.63
C PRO B 540 -6.30 32.50 -7.68
N VAL B 541 -7.33 31.89 -8.26
CA VAL B 541 -8.22 30.98 -7.53
C VAL B 541 -8.38 29.72 -8.36
N ALA B 542 -8.36 28.57 -7.71
CA ALA B 542 -8.37 27.26 -8.36
C ALA B 542 -9.62 26.46 -7.97
N VAL B 543 -9.83 25.34 -8.66
CA VAL B 543 -10.75 24.30 -8.20
C VAL B 543 -9.93 23.02 -8.07
N GLN B 544 -10.49 22.03 -7.40
CA GLN B 544 -9.77 20.78 -7.17
C GLN B 544 -10.48 19.67 -7.92
N CYS B 545 -9.69 18.79 -8.51
CA CYS B 545 -10.18 17.68 -9.31
C CYS B 545 -9.72 16.37 -8.70
N VAL B 546 -10.67 15.45 -8.51
CA VAL B 546 -10.40 14.21 -7.79
C VAL B 546 -10.87 12.99 -8.59
N ALA B 547 -10.12 11.90 -8.50
CA ALA B 547 -10.54 10.61 -9.08
C ALA B 547 -10.27 9.49 -8.06
N LEU B 548 -10.65 8.26 -8.39
CA LEU B 548 -10.45 7.13 -7.46
C LEU B 548 -8.97 6.75 -7.36
N PRO B 549 -8.60 6.02 -6.30
CA PRO B 549 -7.22 5.55 -6.14
C PRO B 549 -6.69 4.92 -7.43
N TRP B 550 -5.44 5.25 -7.75
CA TRP B 550 -4.72 4.77 -8.93
C TRP B 550 -5.23 5.33 -10.28
N GLN B 551 -6.11 6.33 -10.24
CA GLN B 551 -6.67 6.86 -11.49
C GLN B 551 -6.10 8.26 -11.80
N GLU B 552 -4.78 8.38 -11.73
CA GLU B 552 -4.10 9.65 -11.99
C GLU B 552 -4.37 10.11 -13.42
N GLU B 553 -4.36 9.18 -14.37
CA GLU B 553 -4.58 9.56 -15.77
C GLU B 553 -5.98 10.14 -15.97
N LEU B 554 -6.97 9.53 -15.31
CA LEU B 554 -8.30 10.06 -15.41
C LEU B 554 -8.40 11.40 -14.66
N CYS B 555 -7.69 11.52 -13.55
CA CYS B 555 -7.71 12.78 -12.82
C CYS B 555 -7.13 13.87 -13.72
N LEU B 556 -6.05 13.53 -14.41
CA LEU B 556 -5.39 14.49 -15.29
C LEU B 556 -6.25 14.82 -16.53
N ARG B 557 -6.99 13.82 -17.03
CA ARG B 557 -7.91 14.03 -18.15
C ARG B 557 -8.98 15.08 -17.78
N PHE B 558 -9.45 15.02 -16.54
CA PHE B 558 -10.47 15.96 -16.05
C PHE B 558 -9.85 17.35 -15.87
N MET B 559 -8.68 17.41 -15.23
CA MET B 559 -7.95 18.68 -15.07
C MET B 559 -7.70 19.35 -16.43
N ARG B 560 -7.32 18.55 -17.42
CA ARG B 560 -7.08 19.09 -18.74
C ARG B 560 -8.38 19.71 -19.30
N GLU B 561 -9.50 19.07 -19.01
CA GLU B 561 -10.80 19.56 -19.48
C GLU B 561 -11.15 20.89 -18.80
N VAL B 562 -10.99 20.93 -17.47
CA VAL B 562 -11.19 22.19 -16.74
C VAL B 562 -10.28 23.30 -17.27
N GLU B 563 -9.01 22.99 -17.44
CA GLU B 563 -8.06 24.01 -17.94
C GLU B 563 -8.51 24.54 -19.30
N GLN B 564 -8.91 23.64 -20.17
CA GLN B 564 -9.29 24.01 -21.53
C GLN B 564 -10.54 24.91 -21.50
N LEU B 565 -11.53 24.55 -20.69
CA LEU B 565 -12.80 25.28 -20.67
C LEU B 565 -12.71 26.64 -19.95
N MET B 566 -11.86 26.74 -18.95
CA MET B 566 -11.78 27.96 -18.13
C MET B 566 -10.66 28.88 -18.60
N THR B 567 -9.62 28.30 -19.19
CA THR B 567 -8.44 29.07 -19.59
C THR B 567 -7.89 28.44 -20.87
N PRO B 568 -8.68 28.50 -21.94
CA PRO B 568 -8.40 27.81 -23.21
C PRO B 568 -7.02 28.12 -23.82
N GLN B 569 -6.50 29.32 -23.54
CA GLN B 569 -5.22 29.79 -24.10
C GLN B 569 -3.98 29.06 -23.58
N LYS B 570 -4.18 28.22 -22.57
CA LYS B 570 -3.10 27.47 -21.93
C LYS B 570 -2.75 26.19 -22.72
N GLN B 571 -3.64 25.82 -23.65
CA GLN B 571 -3.47 24.59 -24.44
C GLN B 571 -3.29 24.88 -25.94
C1 F2C C . 3.09 -17.02 16.99
C2 F2C C . 2.74 -17.33 15.68
C3 F2C C . 3.28 -16.60 14.62
C4 F2C C . 4.19 -15.57 14.88
C5 F2C C . 4.55 -15.26 16.19
C6 F2C C . 4.00 -15.99 17.25
C7 F2C C . 2.93 -16.91 13.18
C8 F2C C . 1.93 -18.04 12.97
C9 F2C C . 1.54 -18.06 11.48
C10 F2C C . 0.79 -19.32 11.08
C11 F2C C . 0.18 -19.16 9.67
C12 F2C C . -1.03 -18.21 9.66
C13 F2C C . -1.58 -18.04 8.25
O14 F2C C . -0.59 -17.41 7.43
C15 F2C C . -2.82 -17.18 8.23
N16 F2C C . -3.89 -17.09 7.45
C17 F2C C . -4.64 -16.11 7.94
C18 F2C C . -4.02 -15.60 9.01
O19 F2C C . -2.86 -16.26 9.19
C20 F2C C . -4.48 -14.49 9.87
N21 F2C C . -5.54 -13.76 9.49
C22 F2C C . -5.99 -12.75 10.26
C23 F2C C . -5.37 -12.44 11.46
C24 F2C C . -4.28 -13.18 11.87
C25 F2C C . -3.83 -14.23 11.07
C26 F2C C . -7.16 -11.97 9.77
O27 F2C C . -7.69 -12.31 8.68
O28 F2C C . -7.59 -11.02 10.45
CL CL D . -0.01 -0.46 -2.64
C1 F2C E . -2.41 20.68 12.40
C2 F2C E . -2.16 20.64 11.04
C3 F2C E . -2.87 19.78 10.21
C4 F2C E . -3.85 18.95 10.76
C5 F2C E . -4.12 18.98 12.13
C6 F2C E . -3.39 19.85 12.95
C7 F2C E . -2.61 19.72 8.72
C8 F2C E . -1.61 20.75 8.19
C9 F2C E . -1.21 20.32 6.78
C10 F2C E . -0.48 21.41 6.00
C11 F2C E . 0.03 20.85 4.67
C12 F2C E . 1.30 20.05 4.90
C13 F2C E . 1.81 19.47 3.59
O14 F2C E . 0.79 18.65 3.02
C15 F2C E . 3.05 18.60 3.80
N16 F2C E . 4.11 18.33 3.07
C17 F2C E . 4.87 17.48 3.78
C18 F2C E . 4.26 17.25 4.95
O19 F2C E . 3.09 17.95 4.99
C20 F2C E . 4.76 16.38 6.03
N21 F2C E . 5.77 15.53 5.76
C22 F2C E . 6.24 14.73 6.74
C23 F2C E . 5.72 14.75 8.02
C24 F2C E . 4.66 15.61 8.31
C25 F2C E . 4.17 16.44 7.30
C26 F2C E . 7.39 13.81 6.41
O27 F2C E . 7.88 13.15 7.34
O28 F2C E . 7.81 13.78 5.24
NA NA F . -4.75 27.77 16.55
#